data_3NG3
#
_entry.id   3NG3
#
_cell.length_a   90.480
_cell.length_b   116.320
_cell.length_c   101.280
_cell.angle_alpha   90.00
_cell.angle_beta   105.76
_cell.angle_gamma   90.00
#
_symmetry.space_group_name_H-M   'C 1 2 1'
#
loop_
_entity.id
_entity.type
_entity.pdbx_description
1 polymer 'Deoxyribose-phosphate aldolase'
2 non-polymer 'CHLORIDE ION'
3 non-polymer 'UNKNOWN LIGAND'
4 non-polymer 1,2-ETHANEDIOL
5 water water
#
_entity_poly.entity_id   1
_entity_poly.type   'polypeptide(L)'
_entity_poly.pdbx_seq_one_letter_code
;GPGSMTPTRAQLAAFVDHTLLKPEATAADVAALVTEAAELGVYAVCVSPPMVPAAVQAGAGVRVASVAGFPSGKHVSAVK
AHEAALAVASGAAEIDMVIDVGAALAGDLDGVRADIAAVRGAVGGAVLKVIVESSALLALADEHTLVRVCRAAEDAGADF
VKTSTGFHPSGGASVRAVALMAEAVGGRLGVKASGGIRTAADALAMLDAGATRLGLSGTRAVLDGLG
;
_entity_poly.pdbx_strand_id   A,B,C,D
#
# COMPACT_ATOMS: atom_id res chain seq x y z
N THR A 6 9.14 -36.98 25.77
CA THR A 6 9.57 -37.09 24.35
C THR A 6 8.36 -37.32 23.43
N PRO A 7 8.13 -36.41 22.48
CA PRO A 7 6.90 -36.44 21.68
C PRO A 7 6.83 -37.60 20.71
N THR A 8 5.60 -38.01 20.41
CA THR A 8 5.34 -38.91 19.31
C THR A 8 5.46 -38.12 18.00
N ARG A 9 5.48 -38.86 16.88
CA ARG A 9 5.49 -38.28 15.54
C ARG A 9 4.35 -37.26 15.34
N ALA A 10 3.11 -37.66 15.61
CA ALA A 10 1.99 -36.74 15.48
C ALA A 10 2.13 -35.49 16.40
N GLN A 11 2.75 -35.66 17.57
CA GLN A 11 2.93 -34.55 18.52
C GLN A 11 4.01 -33.56 18.06
N LEU A 12 5.12 -34.08 17.57
CA LEU A 12 6.17 -33.23 17.03
C LEU A 12 5.64 -32.50 15.81
N ALA A 13 4.95 -33.21 14.93
CA ALA A 13 4.37 -32.61 13.72
C ALA A 13 3.44 -31.42 14.05
N ALA A 14 2.63 -31.57 15.10
CA ALA A 14 1.73 -30.51 15.56
C ALA A 14 2.47 -29.24 15.97
N PHE A 15 3.79 -29.31 16.20
CA PHE A 15 4.54 -28.10 16.50
C PHE A 15 4.99 -27.39 15.23
N VAL A 16 4.78 -27.96 14.05
CA VAL A 16 5.54 -27.53 12.87
C VAL A 16 4.79 -26.61 11.91
N ASP A 17 5.49 -25.54 11.52
CA ASP A 17 5.12 -24.74 10.34
C ASP A 17 5.93 -25.30 9.18
N HIS A 18 5.26 -25.99 8.25
CA HIS A 18 5.92 -26.66 7.13
C HIS A 18 6.09 -25.62 6.03
N THR A 19 7.34 -25.34 5.67
CA THR A 19 7.73 -24.08 5.04
C THR A 19 8.40 -24.22 3.69
N LEU A 20 8.04 -23.33 2.77
CA LEU A 20 8.73 -23.16 1.49
C LEU A 20 8.75 -21.67 1.17
N LEU A 21 9.97 -21.13 1.07
CA LEU A 21 10.14 -19.70 0.91
C LEU A 21 11.18 -19.32 -0.15
N LYS A 22 11.59 -20.29 -0.95
CA LYS A 22 12.56 -20.03 -2.01
C LYS A 22 12.01 -19.06 -3.03
N PRO A 23 12.84 -18.13 -3.52
CA PRO A 23 12.47 -17.21 -4.58
C PRO A 23 12.00 -17.89 -5.85
N GLU A 24 12.57 -19.04 -6.16
CA GLU A 24 12.17 -19.82 -7.34
C GLU A 24 10.88 -20.67 -7.18
N ALA A 25 10.27 -20.69 -5.99
CA ALA A 25 9.05 -21.52 -5.80
C ALA A 25 7.95 -21.14 -6.78
N THR A 26 7.22 -22.15 -7.23
CA THR A 26 6.11 -21.97 -8.15
C THR A 26 4.80 -22.35 -7.44
N ALA A 27 3.67 -22.02 -8.06
CA ALA A 27 2.35 -22.45 -7.59
C ALA A 27 2.29 -23.97 -7.43
N ALA A 28 2.88 -24.69 -8.36
CA ALA A 28 2.92 -26.13 -8.29
C ALA A 28 3.73 -26.61 -7.06
N ASP A 29 4.81 -25.91 -6.75
CA ASP A 29 5.64 -26.29 -5.62
C ASP A 29 4.81 -26.10 -4.38
N VAL A 30 4.06 -25.00 -4.33
CA VAL A 30 3.26 -24.69 -3.15
C VAL A 30 2.14 -25.71 -2.92
N ALA A 31 1.50 -26.14 -4.01
CA ALA A 31 0.43 -27.14 -3.90
C ALA A 31 0.98 -28.49 -3.43
N ALA A 32 2.21 -28.84 -3.82
CA ALA A 32 2.83 -30.08 -3.30
C ALA A 32 3.11 -29.91 -1.83
N LEU A 33 3.57 -28.72 -1.43
CA LEU A 33 3.83 -28.42 -0.01
C LEU A 33 2.60 -28.65 0.84
N VAL A 34 1.48 -28.04 0.43
CA VAL A 34 0.20 -28.20 1.11
C VAL A 34 -0.19 -29.68 1.23
N THR A 35 -0.16 -30.42 0.12
CA THR A 35 -0.44 -31.87 0.15
C THR A 35 0.44 -32.61 1.17
N GLU A 36 1.72 -32.25 1.21
CA GLU A 36 2.65 -32.92 2.13
C GLU A 36 2.31 -32.54 3.57
N ALA A 37 1.99 -31.26 3.79
CA ALA A 37 1.56 -30.77 5.12
C ALA A 37 0.41 -31.58 5.69
N ALA A 38 -0.63 -31.77 4.91
CA ALA A 38 -1.81 -32.50 5.36
C ALA A 38 -1.42 -33.93 5.67
N GLU A 39 -0.59 -34.52 4.83
CA GLU A 39 -0.17 -35.90 5.03
C GLU A 39 0.56 -36.06 6.37
N LEU A 40 1.48 -35.13 6.64
CA LEU A 40 2.32 -35.19 7.85
C LEU A 40 1.60 -34.79 9.15
N GLY A 41 0.47 -34.09 9.05
CA GLY A 41 -0.27 -33.60 10.22
C GLY A 41 0.38 -32.40 10.91
N VAL A 42 0.91 -31.48 10.12
CA VAL A 42 1.60 -30.33 10.71
C VAL A 42 0.58 -29.27 11.17
N TYR A 43 1.08 -28.29 11.93
CA TYR A 43 0.21 -27.21 12.38
C TYR A 43 -0.21 -26.32 11.19
N ALA A 44 0.75 -26.01 10.32
CA ALA A 44 0.51 -25.00 9.30
C ALA A 44 1.55 -25.13 8.20
N VAL A 45 1.21 -24.57 7.04
CA VAL A 45 2.19 -24.32 5.99
C VAL A 45 2.58 -22.87 6.07
N CYS A 46 3.82 -22.58 5.69
CA CYS A 46 4.29 -21.19 5.62
C CYS A 46 4.85 -20.94 4.24
N VAL A 47 4.33 -19.92 3.56
CA VAL A 47 4.63 -19.66 2.16
C VAL A 47 4.90 -18.17 1.95
N SER A 48 5.39 -17.77 0.78
CA SER A 48 5.69 -16.35 0.55
C SER A 48 4.37 -15.63 0.21
N PRO A 49 4.30 -14.30 0.42
CA PRO A 49 3.05 -13.60 0.34
C PRO A 49 2.25 -13.78 -0.96
N PRO A 50 2.90 -13.69 -2.14
CA PRO A 50 2.11 -13.90 -3.34
C PRO A 50 1.59 -15.33 -3.53
N MET A 51 2.06 -16.27 -2.72
CA MET A 51 1.65 -17.66 -2.86
C MET A 51 0.48 -17.97 -1.95
N VAL A 52 0.05 -17.02 -1.13
CA VAL A 52 -0.99 -17.27 -0.14
C VAL A 52 -2.32 -17.65 -0.81
N PRO A 53 -2.75 -16.91 -1.86
CA PRO A 53 -4.09 -17.24 -2.36
C PRO A 53 -4.18 -18.67 -2.90
N ALA A 54 -3.19 -19.11 -3.64
CA ALA A 54 -3.21 -20.49 -4.12
C ALA A 54 -3.00 -21.52 -3.00
N ALA A 55 -2.23 -21.18 -1.97
CA ALA A 55 -2.12 -22.10 -0.82
C ALA A 55 -3.46 -22.26 -0.09
N VAL A 56 -4.18 -21.16 0.05
CA VAL A 56 -5.50 -21.15 0.70
C VAL A 56 -6.53 -21.92 -0.14
N GLN A 57 -6.56 -21.66 -1.45
CA GLN A 57 -7.45 -22.36 -2.40
C GLN A 57 -7.17 -23.87 -2.53
N ALA A 58 -5.98 -24.31 -2.12
CA ALA A 58 -5.63 -25.74 -2.13
C ALA A 58 -6.44 -26.63 -1.14
N GLY A 59 -7.39 -26.02 -0.43
CA GLY A 59 -8.53 -26.72 0.17
C GLY A 59 -8.36 -27.90 1.11
N ALA A 60 -7.42 -27.82 2.08
CA ALA A 60 -7.47 -28.65 3.32
C ALA A 60 -7.72 -27.73 4.53
N ARG A 63 -4.34 -24.59 7.21
CA ARG A 63 -3.95 -23.35 7.91
C ARG A 63 -2.68 -22.73 7.30
N VAL A 64 -2.78 -21.47 6.87
CA VAL A 64 -1.68 -20.84 6.13
C VAL A 64 -1.04 -19.68 6.88
N ALA A 65 0.28 -19.71 7.02
CA ALA A 65 1.06 -18.60 7.53
C ALA A 65 1.82 -17.95 6.39
N SER A 66 1.99 -16.63 6.42
CA SER A 66 2.91 -15.97 5.49
C SER A 66 3.96 -15.16 6.23
N VAL A 67 4.86 -14.57 5.48
CA VAL A 67 5.88 -13.71 6.04
C VAL A 67 5.68 -12.28 5.57
N ALA A 68 6.28 -11.34 6.30
CA ALA A 68 6.25 -9.92 5.95
C ALA A 68 7.65 -9.31 6.10
N GLY A 69 8.07 -8.49 5.14
CA GLY A 69 9.41 -7.83 5.13
C GLY A 69 10.56 -8.83 5.16
N PHE A 70 10.34 -9.96 4.51
CA PHE A 70 11.17 -11.16 4.60
C PHE A 70 11.98 -11.36 3.32
N PRO A 71 13.23 -11.83 3.44
CA PRO A 71 13.97 -12.14 4.66
C PRO A 71 14.82 -11.01 5.25
N SER A 72 14.97 -9.86 4.56
CA SER A 72 15.98 -8.86 4.95
C SER A 72 15.60 -8.01 6.16
N GLY A 73 14.30 -7.80 6.36
CA GLY A 73 13.82 -6.88 7.35
C GLY A 73 14.00 -5.44 6.93
N LYS A 74 14.68 -5.20 5.79
CA LYS A 74 14.99 -3.86 5.33
C LYS A 74 13.89 -3.32 4.41
N HIS A 75 12.76 -2.96 5.03
CA HIS A 75 11.64 -2.36 4.37
C HIS A 75 11.02 -1.39 5.37
N VAL A 76 10.56 -0.24 4.91
CA VAL A 76 9.90 0.67 5.85
C VAL A 76 8.65 -0.03 6.41
N SER A 77 8.26 0.34 7.63
CA SER A 77 7.09 -0.23 8.31
C SER A 77 5.83 -0.28 7.45
N ALA A 78 5.57 0.79 6.71
CA ALA A 78 4.35 0.86 5.90
C ALA A 78 4.33 -0.26 4.85
N VAL A 79 5.50 -0.65 4.33
CA VAL A 79 5.55 -1.68 3.31
C VAL A 79 5.28 -3.04 3.94
N LYS A 80 5.87 -3.26 5.11
CA LYS A 80 5.67 -4.51 5.86
C LYS A 80 4.19 -4.66 6.20
N ALA A 81 3.55 -3.55 6.57
CA ALA A 81 2.17 -3.56 7.05
C ALA A 81 1.22 -3.81 5.87
N HIS A 82 1.50 -3.15 4.76
CA HIS A 82 0.75 -3.35 3.52
C HIS A 82 0.78 -4.83 3.14
N GLU A 83 2.00 -5.36 3.07
CA GLU A 83 2.23 -6.77 2.71
C GLU A 83 1.50 -7.74 3.64
N ALA A 84 1.58 -7.51 4.95
CA ALA A 84 0.86 -8.32 5.94
C ALA A 84 -0.67 -8.27 5.78
N ALA A 85 -1.21 -7.08 5.54
CA ALA A 85 -2.62 -6.91 5.31
C ALA A 85 -3.14 -7.71 4.15
N LEU A 86 -2.42 -7.66 3.03
CA LEU A 86 -2.86 -8.38 1.85
C LEU A 86 -2.91 -9.91 2.13
N ALA A 87 -1.88 -10.45 2.78
CA ALA A 87 -1.77 -11.87 3.03
C ALA A 87 -2.91 -12.32 3.91
N VAL A 88 -3.21 -11.55 4.97
CA VAL A 88 -4.31 -11.87 5.86
C VAL A 88 -5.65 -11.77 5.15
N ALA A 89 -5.83 -10.75 4.28
CA ALA A 89 -7.08 -10.62 3.54
C ALA A 89 -7.26 -11.82 2.57
N SER A 90 -6.14 -12.36 2.07
CA SER A 90 -6.16 -13.55 1.20
C SER A 90 -6.27 -14.88 1.95
N GLY A 91 -6.30 -14.84 3.28
CA GLY A 91 -6.65 -15.99 4.11
C GLY A 91 -5.57 -16.48 5.04
N ALA A 92 -4.44 -15.77 5.10
CA ALA A 92 -3.36 -16.16 6.00
C ALA A 92 -3.84 -16.03 7.45
N ALA A 93 -3.61 -17.04 8.28
CA ALA A 93 -4.02 -17.01 9.71
C ALA A 93 -2.94 -16.41 10.57
N GLU A 94 -1.71 -16.40 10.06
CA GLU A 94 -0.57 -15.94 10.80
C GLU A 94 0.40 -15.24 9.85
N ILE A 95 1.17 -14.31 10.41
CA ILE A 95 2.22 -13.59 9.70
C ILE A 95 3.50 -13.65 10.51
N ASP A 96 4.62 -13.99 9.86
CA ASP A 96 5.93 -13.98 10.49
C ASP A 96 6.73 -12.79 9.90
N MET A 97 6.81 -11.68 10.62
CA MET A 97 7.52 -10.52 10.09
C MET A 97 8.98 -10.51 10.50
N VAL A 98 9.79 -9.75 9.78
CA VAL A 98 11.21 -9.57 10.13
C VAL A 98 11.49 -8.15 10.59
N ILE A 99 12.09 -7.98 11.78
CA ILE A 99 12.50 -6.64 12.24
C ILE A 99 13.59 -6.08 11.32
N ASP A 100 13.87 -4.78 11.41
CA ASP A 100 15.09 -4.18 10.85
C ASP A 100 16.22 -4.45 11.85
N VAL A 101 17.06 -5.43 11.51
CA VAL A 101 18.12 -5.89 12.39
C VAL A 101 19.13 -4.77 12.69
N GLY A 102 19.41 -3.92 11.70
CA GLY A 102 20.35 -2.82 11.91
C GLY A 102 19.84 -1.74 12.85
N ALA A 103 18.52 -1.57 12.91
CA ALA A 103 17.90 -0.69 13.88
C ALA A 103 18.04 -1.24 15.31
N ALA A 104 17.81 -2.56 15.47
CA ALA A 104 18.07 -3.17 16.77
C ALA A 104 19.53 -2.94 17.17
N LEU A 105 20.46 -3.20 16.25
CA LEU A 105 21.90 -3.08 16.55
C LEU A 105 22.33 -1.64 16.88
N ALA A 106 21.65 -0.65 16.30
CA ALA A 106 22.00 0.73 16.53
C ALA A 106 21.40 1.21 17.84
N GLY A 107 20.59 0.37 18.48
CA GLY A 107 19.98 0.68 19.77
C GLY A 107 18.67 1.45 19.62
N ASP A 108 18.11 1.47 18.40
CA ASP A 108 16.81 2.14 18.19
C ASP A 108 15.65 1.17 18.48
N LEU A 109 15.51 0.75 19.74
CA LEU A 109 14.45 -0.20 20.11
C LEU A 109 13.01 0.40 20.05
N ASP A 110 12.88 1.70 20.26
CA ASP A 110 11.61 2.39 20.07
C ASP A 110 11.11 2.28 18.63
N GLY A 111 12.04 2.41 17.68
CA GLY A 111 11.76 2.26 16.26
C GLY A 111 11.40 0.82 15.92
N VAL A 112 12.06 -0.15 16.55
CA VAL A 112 11.73 -1.56 16.32
C VAL A 112 10.34 -1.87 16.85
N ARG A 113 10.04 -1.36 18.04
CA ARG A 113 8.71 -1.47 18.64
C ARG A 113 7.64 -0.89 17.72
N ALA A 114 7.90 0.31 17.17
CA ALA A 114 6.92 0.97 16.28
C ALA A 114 6.70 0.20 14.97
N ASP A 115 7.77 -0.47 14.52
CA ASP A 115 7.76 -1.24 13.28
C ASP A 115 6.83 -2.44 13.48
N ILE A 116 6.95 -3.09 14.64
CA ILE A 116 6.09 -4.21 15.01
C ILE A 116 4.64 -3.72 15.22
N ALA A 117 4.45 -2.61 15.92
CA ALA A 117 3.12 -2.04 16.14
C ALA A 117 2.42 -1.75 14.80
N ALA A 118 3.16 -1.24 13.81
CA ALA A 118 2.58 -1.03 12.49
C ALA A 118 1.97 -2.30 11.90
N VAL A 119 2.73 -3.41 11.90
CA VAL A 119 2.23 -4.65 11.33
C VAL A 119 1.06 -5.15 12.17
N ARG A 120 1.17 -5.05 13.50
CA ARG A 120 0.09 -5.47 14.38
C ARG A 120 -1.25 -4.81 14.06
N GLY A 121 -1.23 -3.52 13.76
CA GLY A 121 -2.49 -2.83 13.52
C GLY A 121 -3.06 -3.07 12.13
N ALA A 122 -2.30 -3.75 11.27
CA ALA A 122 -2.75 -4.09 9.93
C ALA A 122 -3.40 -5.46 9.91
N VAL A 123 -3.01 -6.36 10.79
CA VAL A 123 -3.43 -7.76 10.64
C VAL A 123 -4.73 -8.08 11.41
N GLY A 124 -5.18 -7.13 12.23
CA GLY A 124 -6.34 -7.40 13.06
C GLY A 124 -6.06 -8.52 14.07
N GLY A 125 -6.76 -9.63 13.91
CA GLY A 125 -6.73 -10.72 14.85
C GLY A 125 -5.76 -11.83 14.54
N ALA A 126 -5.00 -11.73 13.43
CA ALA A 126 -4.07 -12.80 13.07
C ALA A 126 -2.95 -13.04 14.10
N VAL A 127 -2.42 -14.26 14.13
CA VAL A 127 -1.25 -14.54 14.92
C VAL A 127 -0.05 -13.79 14.34
N LEU A 128 0.61 -12.94 15.13
CA LEU A 128 1.79 -12.21 14.63
C LEU A 128 3.05 -12.74 15.24
N LYS A 129 3.95 -13.25 14.42
CA LYS A 129 5.26 -13.67 14.91
C LYS A 129 6.34 -12.69 14.50
N VAL A 130 7.25 -12.37 15.41
CA VAL A 130 8.34 -11.45 15.10
C VAL A 130 9.70 -12.18 15.07
N ILE A 131 10.33 -12.13 13.90
CA ILE A 131 11.65 -12.70 13.67
C ILE A 131 12.74 -11.73 14.10
N VAL A 132 13.45 -12.08 15.17
CA VAL A 132 14.46 -11.17 15.74
C VAL A 132 15.86 -11.39 15.15
N GLU A 133 15.99 -12.39 14.27
CA GLU A 133 17.30 -12.82 13.73
C GLU A 133 18.30 -12.93 14.86
N SER A 134 17.97 -13.79 15.80
CA SER A 134 18.78 -13.99 16.98
C SER A 134 20.25 -14.31 16.69
N SER A 135 20.57 -15.02 15.61
CA SER A 135 21.98 -15.36 15.38
C SER A 135 22.81 -14.11 15.04
N ALA A 136 22.18 -13.13 14.40
CA ALA A 136 22.84 -11.87 14.09
C ALA A 136 22.97 -11.00 15.34
N LEU A 137 21.95 -11.00 16.19
CA LEU A 137 21.94 -10.13 17.38
C LEU A 137 23.03 -10.62 18.33
N LEU A 138 23.14 -11.94 18.43
CA LEU A 138 24.18 -12.58 19.23
C LEU A 138 25.60 -12.48 18.66
N ALA A 139 25.76 -12.59 17.35
CA ALA A 139 27.09 -12.45 16.76
C ALA A 139 27.61 -10.99 16.73
N LEU A 140 26.71 -10.03 16.55
CA LEU A 140 27.07 -8.61 16.31
C LEU A 140 26.84 -7.71 17.51
N ALA A 141 26.01 -8.15 18.45
CA ALA A 141 25.73 -7.42 19.68
C ALA A 141 25.96 -8.35 20.89
N ASP A 142 24.92 -8.57 21.69
CA ASP A 142 25.03 -9.39 22.89
C ASP A 142 23.67 -9.91 23.29
N GLU A 143 23.65 -10.65 24.38
CA GLU A 143 22.46 -11.34 24.81
C GLU A 143 21.37 -10.37 25.23
N HIS A 144 21.75 -9.29 25.92
CA HIS A 144 20.79 -8.28 26.42
C HIS A 144 20.03 -7.59 25.29
N THR A 145 20.71 -7.36 24.17
CA THR A 145 20.05 -6.86 22.98
C THR A 145 18.98 -7.85 22.48
N LEU A 146 19.29 -9.14 22.44
CA LEU A 146 18.23 -10.12 22.10
C LEU A 146 17.02 -9.97 23.04
N VAL A 147 17.27 -9.81 24.35
CA VAL A 147 16.20 -9.72 25.34
C VAL A 147 15.37 -8.44 25.10
N ARG A 148 16.05 -7.33 24.84
CA ARG A 148 15.37 -6.06 24.57
C ARG A 148 14.47 -6.14 23.35
N VAL A 149 14.92 -6.80 22.29
CA VAL A 149 14.08 -6.96 21.12
C VAL A 149 12.85 -7.81 21.43
N CYS A 150 13.03 -8.87 22.20
CA CYS A 150 11.89 -9.65 22.62
C CYS A 150 10.87 -8.80 23.40
N ARG A 151 11.37 -7.88 24.23
CA ARG A 151 10.46 -7.02 25.01
C ARG A 151 9.70 -6.04 24.12
N ALA A 152 10.40 -5.50 23.13
CA ALA A 152 9.79 -4.63 22.12
C ALA A 152 8.61 -5.32 21.42
N ALA A 153 8.82 -6.57 21.00
CA ALA A 153 7.78 -7.41 20.38
C ALA A 153 6.56 -7.60 21.28
N GLU A 154 6.81 -7.97 22.54
CA GLU A 154 5.73 -8.12 23.52
C GLU A 154 4.97 -6.83 23.70
N ASP A 155 5.70 -5.74 23.93
CA ASP A 155 5.11 -4.41 24.12
C ASP A 155 4.27 -3.95 22.92
N ALA A 156 4.70 -4.31 21.71
CA ALA A 156 3.98 -3.93 20.50
C ALA A 156 2.83 -4.87 20.18
N GLY A 157 2.64 -5.93 20.96
CA GLY A 157 1.44 -6.79 20.86
C GLY A 157 1.64 -8.05 20.01
N ALA A 158 2.89 -8.40 19.76
CA ALA A 158 3.21 -9.66 19.06
C ALA A 158 2.72 -10.88 19.87
N ASP A 159 2.35 -11.95 19.16
CA ASP A 159 1.95 -13.22 19.79
C ASP A 159 3.13 -14.21 19.97
N PHE A 160 4.15 -14.09 19.13
CA PHE A 160 5.32 -14.95 19.12
C PHE A 160 6.57 -14.13 18.90
N VAL A 161 7.68 -14.59 19.47
CA VAL A 161 9.00 -14.21 18.99
C VAL A 161 9.60 -15.43 18.29
N LYS A 162 10.54 -15.19 17.37
CA LYS A 162 10.97 -16.20 16.42
C LYS A 162 12.42 -15.96 16.11
N THR A 163 13.22 -17.04 16.00
CA THR A 163 14.66 -16.89 15.97
C THR A 163 15.20 -16.26 14.70
N SER A 164 14.83 -16.79 13.54
CA SER A 164 15.64 -16.62 12.35
C SER A 164 14.88 -16.76 11.08
N THR A 165 15.42 -16.13 10.04
CA THR A 165 14.86 -16.22 8.69
C THR A 165 15.30 -17.49 8.00
N GLY A 166 16.43 -18.04 8.42
CA GLY A 166 17.06 -19.14 7.69
C GLY A 166 17.83 -18.65 6.47
N PHE A 167 18.00 -17.33 6.33
CA PHE A 167 18.75 -16.77 5.21
C PHE A 167 19.86 -15.84 5.64
N HIS A 168 20.08 -15.64 6.94
CA HIS A 168 21.16 -14.75 7.32
C HIS A 168 22.48 -15.54 7.48
N PRO A 169 23.61 -14.98 6.98
CA PRO A 169 24.87 -15.78 7.02
C PRO A 169 25.37 -16.09 8.44
N SER A 170 24.92 -15.36 9.44
CA SER A 170 25.30 -15.67 10.82
C SER A 170 24.63 -16.96 11.34
N GLY A 171 23.69 -17.49 10.56
CA GLY A 171 23.12 -18.80 10.85
C GLY A 171 21.65 -18.72 11.19
N GLY A 172 21.21 -19.66 12.04
CA GLY A 172 19.83 -19.79 12.46
C GLY A 172 19.64 -20.05 13.95
N ALA A 173 18.68 -20.89 14.29
CA ALA A 173 18.31 -21.18 15.66
C ALA A 173 19.49 -21.80 16.46
N SER A 174 19.64 -21.36 17.71
CA SER A 174 20.51 -22.06 18.66
C SER A 174 19.76 -22.32 19.93
N VAL A 175 20.20 -23.32 20.67
CA VAL A 175 19.63 -23.64 21.99
C VAL A 175 19.72 -22.41 22.90
N ARG A 176 20.89 -21.76 22.88
CA ARG A 176 21.11 -20.56 23.68
C ARG A 176 20.12 -19.43 23.32
N ALA A 177 19.99 -19.11 22.04
CA ALA A 177 19.02 -18.10 21.59
C ALA A 177 17.61 -18.42 22.11
N VAL A 178 17.19 -19.68 21.96
CA VAL A 178 15.84 -20.11 22.34
C VAL A 178 15.59 -19.99 23.83
N ALA A 179 16.58 -20.40 24.64
CA ALA A 179 16.50 -20.28 26.11
C ALA A 179 16.36 -18.83 26.50
N LEU A 180 17.18 -17.95 25.92
CA LEU A 180 17.11 -16.51 26.24
C LEU A 180 15.73 -15.91 25.92
N MET A 181 15.22 -16.23 24.75
CA MET A 181 13.93 -15.70 24.29
C MET A 181 12.78 -16.18 25.15
N ALA A 182 12.76 -17.47 25.46
CA ALA A 182 11.72 -18.06 26.29
C ALA A 182 11.73 -17.48 27.72
N GLU A 183 12.93 -17.24 28.26
CA GLU A 183 13.05 -16.55 29.55
C GLU A 183 12.44 -15.14 29.48
N ALA A 184 12.78 -14.41 28.44
CA ALA A 184 12.35 -13.00 28.31
C ALA A 184 10.84 -12.80 28.18
N VAL A 185 10.16 -13.70 27.47
CA VAL A 185 8.71 -13.61 27.28
C VAL A 185 7.90 -14.39 28.34
N GLY A 186 8.58 -15.33 29.02
CA GLY A 186 8.03 -16.00 30.21
C GLY A 186 6.68 -16.65 30.00
N GLY A 187 6.49 -17.28 28.84
CA GLY A 187 5.21 -17.95 28.53
C GLY A 187 4.04 -17.02 28.14
N ARG A 188 4.28 -15.73 27.98
CA ARG A 188 3.21 -14.79 27.59
C ARG A 188 3.11 -14.72 26.05
N LEU A 189 4.24 -14.89 25.38
CA LEU A 189 4.28 -15.08 23.94
C LEU A 189 4.84 -16.47 23.63
N GLY A 190 4.52 -17.00 22.45
CA GLY A 190 5.17 -18.21 21.94
C GLY A 190 6.59 -17.93 21.46
N VAL A 191 7.38 -18.99 21.35
CA VAL A 191 8.73 -18.87 20.85
C VAL A 191 8.84 -19.86 19.71
N LYS A 192 9.12 -19.36 18.50
CA LYS A 192 9.28 -20.22 17.34
C LYS A 192 10.76 -20.36 16.99
N ALA A 193 11.23 -21.61 16.95
CA ALA A 193 12.61 -21.90 16.55
C ALA A 193 12.61 -22.25 15.08
N SER A 194 13.55 -21.68 14.35
CA SER A 194 13.59 -21.77 12.88
C SER A 194 15.01 -21.54 12.40
N GLY A 195 15.30 -22.08 11.24
CA GLY A 195 16.59 -21.86 10.58
C GLY A 195 17.61 -22.92 11.00
N GLY A 196 17.95 -23.80 10.07
CA GLY A 196 19.02 -24.77 10.31
C GLY A 196 18.71 -25.83 11.37
N ILE A 197 17.44 -26.23 11.45
CA ILE A 197 16.96 -27.30 12.32
C ILE A 197 17.00 -28.55 11.45
N ARG A 198 18.08 -29.33 11.53
CA ARG A 198 18.40 -30.35 10.51
C ARG A 198 18.05 -31.78 10.90
N THR A 199 17.95 -32.06 12.20
CA THR A 199 17.74 -33.43 12.71
C THR A 199 16.61 -33.45 13.76
N ALA A 200 16.04 -34.62 14.02
CA ALA A 200 15.10 -34.78 15.12
C ALA A 200 15.76 -34.31 16.43
N ALA A 201 17.05 -34.54 16.59
CA ALA A 201 17.76 -34.09 17.79
C ALA A 201 17.82 -32.56 17.87
N ASP A 202 18.06 -31.88 16.75
CA ASP A 202 18.04 -30.42 16.71
C ASP A 202 16.64 -29.95 17.17
N ALA A 203 15.58 -30.51 16.60
CA ALA A 203 14.20 -30.14 16.91
C ALA A 203 13.85 -30.27 18.38
N LEU A 204 14.14 -31.45 18.95
CA LEU A 204 13.84 -31.71 20.37
C LEU A 204 14.68 -30.82 21.27
N ALA A 205 15.92 -30.50 20.88
CA ALA A 205 16.74 -29.57 21.70
C ALA A 205 16.10 -28.16 21.72
N MET A 206 15.54 -27.73 20.60
CA MET A 206 14.84 -26.44 20.57
C MET A 206 13.59 -26.50 21.44
N LEU A 207 12.81 -27.58 21.35
CA LEU A 207 11.59 -27.72 22.16
C LEU A 207 11.93 -27.71 23.66
N ASP A 208 12.99 -28.42 24.03
CA ASP A 208 13.44 -28.54 25.43
C ASP A 208 13.94 -27.17 25.93
N ALA A 209 14.39 -26.32 25.01
CA ALA A 209 14.88 -24.99 25.37
C ALA A 209 13.74 -23.97 25.52
N GLY A 210 12.50 -24.37 25.21
CA GLY A 210 11.33 -23.51 25.40
C GLY A 210 10.55 -23.11 24.15
N ALA A 211 10.95 -23.60 22.98
CA ALA A 211 10.18 -23.32 21.75
C ALA A 211 8.84 -24.03 21.81
N THR A 212 7.82 -23.36 21.27
CA THR A 212 6.45 -23.87 21.21
C THR A 212 5.97 -24.00 19.76
N ARG A 213 6.87 -23.78 18.80
CA ARG A 213 6.58 -23.90 17.38
C ARG A 213 7.92 -24.06 16.67
N LEU A 214 7.93 -24.81 15.57
CA LEU A 214 9.15 -25.07 14.84
C LEU A 214 8.94 -24.73 13.40
N GLY A 215 9.87 -23.99 12.79
CA GLY A 215 9.82 -23.73 11.36
C GLY A 215 10.73 -24.68 10.65
N LEU A 216 10.18 -25.54 9.78
CA LEU A 216 10.99 -26.55 9.08
C LEU A 216 10.69 -26.60 7.57
N SER A 217 11.69 -26.97 6.78
CA SER A 217 11.49 -27.27 5.38
C SER A 217 11.52 -28.78 5.16
N GLY A 218 12.53 -29.46 5.71
CA GLY A 218 12.65 -30.94 5.62
C GLY A 218 11.89 -31.66 6.73
N THR A 219 10.58 -31.36 6.83
CA THR A 219 9.79 -31.85 7.95
C THR A 219 9.76 -33.40 8.00
N ARG A 220 9.54 -34.05 6.87
CA ARG A 220 9.46 -35.50 6.85
C ARG A 220 10.70 -36.20 7.45
N ALA A 221 11.89 -35.73 7.05
CA ALA A 221 13.16 -36.31 7.50
C ALA A 221 13.38 -36.06 9.01
N VAL A 222 12.86 -34.94 9.52
CA VAL A 222 12.88 -34.70 10.96
C VAL A 222 11.96 -35.67 11.70
N LEU A 223 10.73 -35.80 11.23
CA LEU A 223 9.77 -36.70 11.87
C LEU A 223 10.21 -38.19 11.79
N ASP A 224 10.86 -38.59 10.70
CA ASP A 224 11.32 -39.96 10.54
C ASP A 224 12.38 -40.33 11.59
N GLY A 225 13.06 -39.34 12.14
CA GLY A 225 14.08 -39.55 13.14
C GLY A 225 13.54 -39.94 14.50
N LEU A 226 12.22 -39.95 14.65
CA LEU A 226 11.61 -40.47 15.86
C LEU A 226 11.33 -41.96 15.69
N PRO B 7 41.00 1.04 -18.93
CA PRO B 7 40.21 2.09 -18.26
C PRO B 7 40.94 2.69 -17.07
N THR B 8 40.83 4.01 -16.88
CA THR B 8 41.42 4.63 -15.69
C THR B 8 40.59 4.28 -14.47
N ARG B 9 41.20 4.50 -13.32
CA ARG B 9 40.50 4.47 -12.06
C ARG B 9 39.17 5.26 -12.15
N ALA B 10 39.22 6.49 -12.66
CA ALA B 10 38.05 7.38 -12.67
C ALA B 10 36.99 6.87 -13.62
N GLN B 11 37.41 6.42 -14.79
CA GLN B 11 36.50 5.85 -15.80
C GLN B 11 35.78 4.59 -15.32
N LEU B 12 36.53 3.70 -14.66
CA LEU B 12 35.95 2.45 -14.15
C LEU B 12 35.00 2.74 -12.99
N ALA B 13 35.35 3.68 -12.11
CA ALA B 13 34.50 4.08 -10.99
C ALA B 13 33.14 4.60 -11.50
N ALA B 14 33.19 5.27 -12.66
CA ALA B 14 32.04 5.92 -13.24
C ALA B 14 30.97 4.92 -13.64
N PHE B 15 31.32 3.63 -13.72
CA PHE B 15 30.37 2.58 -14.06
C PHE B 15 29.69 2.01 -12.82
N VAL B 16 30.18 2.35 -11.61
CA VAL B 16 29.86 1.58 -10.40
C VAL B 16 28.72 2.15 -9.55
N ASP B 17 27.83 1.24 -9.14
CA ASP B 17 26.85 1.48 -8.08
C ASP B 17 27.48 0.87 -6.82
N HIS B 18 27.90 1.74 -5.89
CA HIS B 18 28.67 1.35 -4.68
C HIS B 18 27.67 0.95 -3.61
N THR B 19 27.69 -0.32 -3.18
CA THR B 19 26.50 -0.98 -2.62
C THR B 19 26.65 -1.57 -1.21
N LEU B 20 25.74 -1.24 -0.31
CA LEU B 20 25.56 -1.90 1.01
C LEU B 20 24.09 -2.28 1.18
N LEU B 21 23.83 -3.57 1.33
CA LEU B 21 22.48 -4.12 1.42
C LEU B 21 22.28 -5.11 2.59
N LYS B 22 23.24 -5.16 3.52
CA LYS B 22 23.21 -6.14 4.58
C LYS B 22 22.09 -5.82 5.54
N PRO B 23 21.36 -6.85 5.99
CA PRO B 23 20.27 -6.64 6.92
C PRO B 23 20.66 -5.93 8.21
N GLU B 24 21.89 -6.14 8.65
CA GLU B 24 22.39 -5.50 9.89
C GLU B 24 22.92 -4.05 9.68
N ALA B 25 22.81 -3.52 8.47
CA ALA B 25 23.38 -2.19 8.18
C ALA B 25 22.68 -1.11 8.97
N THR B 26 23.50 -0.23 9.54
CA THR B 26 23.05 0.92 10.31
C THR B 26 23.19 2.21 9.49
N ALA B 27 22.62 3.29 10.01
CA ALA B 27 22.71 4.61 9.40
C ALA B 27 24.16 5.05 9.36
N ALA B 28 24.93 4.72 10.39
CA ALA B 28 26.34 5.04 10.41
C ALA B 28 27.09 4.27 9.30
N ASP B 29 26.77 2.99 9.09
CA ASP B 29 27.34 2.25 7.96
C ASP B 29 27.01 2.93 6.60
N VAL B 30 25.75 3.33 6.44
CA VAL B 30 25.33 3.98 5.20
C VAL B 30 26.09 5.31 4.96
N ALA B 31 26.34 6.08 6.02
CA ALA B 31 27.05 7.37 5.92
C ALA B 31 28.52 7.17 5.50
N ALA B 32 29.16 6.13 6.02
CA ALA B 32 30.52 5.78 5.62
C ALA B 32 30.52 5.28 4.19
N LEU B 33 29.44 4.67 3.73
CA LEU B 33 29.35 4.19 2.33
C LEU B 33 29.29 5.36 1.37
N VAL B 34 28.49 6.37 1.69
CA VAL B 34 28.41 7.58 0.88
C VAL B 34 29.75 8.33 0.82
N THR B 35 30.37 8.53 1.98
CA THR B 35 31.69 9.16 2.06
C THR B 35 32.67 8.44 1.15
N GLU B 36 32.73 7.12 1.26
CA GLU B 36 33.59 6.29 0.42
C GLU B 36 33.20 6.41 -1.07
N ALA B 37 31.89 6.45 -1.35
CA ALA B 37 31.42 6.60 -2.73
C ALA B 37 31.99 7.86 -3.38
N ALA B 38 31.89 8.98 -2.66
CA ALA B 38 32.32 10.26 -3.23
C ALA B 38 33.86 10.34 -3.40
N GLU B 39 34.62 9.75 -2.47
CA GLU B 39 36.10 9.66 -2.60
C GLU B 39 36.51 8.85 -3.83
N LEU B 40 35.82 7.75 -4.08
CA LEU B 40 36.13 6.85 -5.20
C LEU B 40 35.57 7.31 -6.56
N GLY B 41 34.71 8.33 -6.58
CA GLY B 41 34.18 8.87 -7.82
C GLY B 41 33.21 7.94 -8.54
N VAL B 42 32.44 7.18 -7.77
CA VAL B 42 31.48 6.22 -8.34
C VAL B 42 30.27 6.90 -8.91
N TYR B 43 29.49 6.18 -9.72
CA TYR B 43 28.26 6.73 -10.31
C TYR B 43 27.18 6.95 -9.25
N ALA B 44 26.97 5.96 -8.38
CA ALA B 44 25.88 6.00 -7.43
C ALA B 44 26.18 5.13 -6.23
N VAL B 45 25.49 5.40 -5.13
CA VAL B 45 25.42 4.47 -4.02
C VAL B 45 24.11 3.69 -4.15
N CYS B 46 24.15 2.40 -3.83
CA CYS B 46 22.93 1.59 -3.77
C CYS B 46 22.69 1.10 -2.35
N VAL B 47 21.56 1.43 -1.75
CA VAL B 47 21.24 1.05 -0.38
C VAL B 47 19.83 0.46 -0.28
N SER B 48 19.47 -0.02 0.91
CA SER B 48 18.17 -0.66 1.14
C SER B 48 17.10 0.40 1.38
N PRO B 49 15.83 0.09 1.10
CA PRO B 49 14.85 1.19 1.09
C PRO B 49 14.75 2.07 2.34
N PRO B 50 14.84 1.49 3.55
CA PRO B 50 14.72 2.38 4.71
C PRO B 50 15.91 3.28 4.94
N MET B 51 17.00 3.05 4.23
CA MET B 51 18.24 3.81 4.42
C MET B 51 18.32 4.98 3.45
N VAL B 52 17.35 5.08 2.54
CA VAL B 52 17.41 6.10 1.51
C VAL B 52 17.47 7.50 2.13
N PRO B 53 16.59 7.79 3.12
CA PRO B 53 16.69 9.16 3.70
C PRO B 53 18.09 9.51 4.22
N ALA B 54 18.76 8.58 4.88
CA ALA B 54 20.09 8.86 5.44
C ALA B 54 21.18 8.95 4.36
N ALA B 55 21.03 8.19 3.27
CA ALA B 55 21.95 8.31 2.14
C ALA B 55 21.84 9.69 1.50
N VAL B 56 20.61 10.11 1.22
CA VAL B 56 20.34 11.36 0.51
C VAL B 56 20.76 12.57 1.32
N GLN B 57 20.61 12.49 2.65
CA GLN B 57 20.95 13.60 3.52
C GLN B 57 22.45 13.73 3.89
N ALA B 58 23.25 12.75 3.43
CA ALA B 58 24.66 12.66 3.77
C ALA B 58 25.55 13.24 2.68
N ARG B 63 24.01 10.74 -5.54
CA ARG B 63 23.06 10.00 -6.37
C ARG B 63 22.81 8.64 -5.77
N VAL B 64 21.54 8.33 -5.50
CA VAL B 64 21.17 7.17 -4.68
C VAL B 64 20.23 6.22 -5.40
N ALA B 65 20.63 4.95 -5.51
CA ALA B 65 19.75 3.90 -6.03
C ALA B 65 19.24 3.10 -4.83
N SER B 66 17.99 2.62 -4.90
CA SER B 66 17.49 1.72 -3.89
C SER B 66 16.96 0.49 -4.55
N VAL B 67 16.75 -0.54 -3.77
CA VAL B 67 16.18 -1.78 -4.27
C VAL B 67 14.69 -1.83 -3.92
N ALA B 68 13.98 -2.75 -4.58
CA ALA B 68 12.57 -2.95 -4.34
C ALA B 68 12.22 -4.44 -4.47
N GLY B 69 11.33 -4.93 -3.61
CA GLY B 69 11.00 -6.37 -3.52
C GLY B 69 12.24 -7.25 -3.36
N PHE B 70 13.22 -6.77 -2.61
CA PHE B 70 14.57 -7.32 -2.58
C PHE B 70 14.89 -7.99 -1.23
N PRO B 71 15.62 -9.14 -1.26
CA PRO B 71 16.17 -9.88 -2.39
C PRO B 71 15.29 -10.96 -3.02
N SER B 72 14.16 -11.35 -2.37
CA SER B 72 13.45 -12.58 -2.78
C SER B 72 12.69 -12.44 -4.07
N GLY B 73 12.19 -11.23 -4.35
CA GLY B 73 11.27 -11.06 -5.43
C GLY B 73 9.87 -11.54 -5.09
N LYS B 74 9.68 -12.12 -3.92
CA LYS B 74 8.38 -12.71 -3.58
C LYS B 74 7.54 -11.71 -2.78
N HIS B 75 6.99 -10.71 -3.46
CA HIS B 75 6.06 -9.74 -2.85
C HIS B 75 5.01 -9.47 -3.90
N VAL B 76 3.77 -9.15 -3.54
CA VAL B 76 2.77 -8.83 -4.56
C VAL B 76 3.21 -7.53 -5.22
N SER B 77 2.88 -7.40 -6.50
CA SER B 77 3.26 -6.26 -7.33
C SER B 77 3.01 -4.88 -6.71
N ALA B 78 1.85 -4.73 -6.10
CA ALA B 78 1.46 -3.46 -5.48
C ALA B 78 2.40 -3.08 -4.32
N VAL B 79 2.96 -4.10 -3.65
CA VAL B 79 3.85 -3.86 -2.53
C VAL B 79 5.23 -3.40 -3.02
N LYS B 80 5.72 -4.05 -4.05
CA LYS B 80 6.98 -3.64 -4.70
C LYS B 80 6.82 -2.20 -5.21
N ALA B 81 5.65 -1.92 -5.79
CA ALA B 81 5.41 -0.57 -6.36
C ALA B 81 5.32 0.51 -5.26
N HIS B 82 4.61 0.20 -4.19
CA HIS B 82 4.58 1.02 -2.97
C HIS B 82 5.99 1.30 -2.44
N GLU B 83 6.77 0.24 -2.22
CA GLU B 83 8.18 0.34 -1.77
C GLU B 83 9.05 1.24 -2.67
N ALA B 84 8.95 1.03 -3.99
CA ALA B 84 9.68 1.80 -4.96
C ALA B 84 9.28 3.30 -4.93
N ALA B 85 7.98 3.57 -4.91
CA ALA B 85 7.48 4.92 -4.83
C ALA B 85 7.96 5.65 -3.57
N LEU B 86 7.93 4.96 -2.41
CA LEU B 86 8.41 5.58 -1.17
C LEU B 86 9.88 5.95 -1.25
N ALA B 87 10.68 5.09 -1.87
CA ALA B 87 12.10 5.37 -2.05
C ALA B 87 12.35 6.59 -2.93
N VAL B 88 11.72 6.61 -4.10
CA VAL B 88 11.77 7.77 -4.99
C VAL B 88 11.31 9.05 -4.26
N ALA B 89 10.20 8.97 -3.56
CA ALA B 89 9.70 10.12 -2.74
C ALA B 89 10.70 10.61 -1.71
N SER B 90 11.51 9.71 -1.14
CA SER B 90 12.57 10.12 -0.20
C SER B 90 13.86 10.49 -0.94
N GLY B 91 13.85 10.44 -2.26
CA GLY B 91 14.94 10.99 -3.07
C GLY B 91 15.80 10.03 -3.86
N ALA B 92 15.45 8.74 -3.91
CA ALA B 92 16.17 7.79 -4.79
C ALA B 92 15.95 8.17 -6.24
N ALA B 93 17.04 8.21 -7.01
CA ALA B 93 17.03 8.51 -8.44
C ALA B 93 16.80 7.26 -9.27
N GLU B 94 17.14 6.10 -8.71
CA GLU B 94 17.02 4.83 -9.41
C GLU B 94 16.45 3.76 -8.49
N ILE B 95 15.80 2.77 -9.06
CA ILE B 95 15.27 1.64 -8.29
C ILE B 95 15.68 0.35 -8.97
N ASP B 96 16.27 -0.57 -8.22
CA ASP B 96 16.59 -1.90 -8.75
C ASP B 96 15.63 -2.96 -8.15
N MET B 97 14.68 -3.47 -8.94
CA MET B 97 13.63 -4.36 -8.42
C MET B 97 13.98 -5.79 -8.71
N VAL B 98 13.33 -6.74 -8.01
CA VAL B 98 13.50 -8.17 -8.27
C VAL B 98 12.17 -8.75 -8.75
N ILE B 99 12.26 -9.53 -9.84
CA ILE B 99 11.12 -10.24 -10.41
C ILE B 99 10.71 -11.39 -9.50
N ASP B 100 9.48 -11.88 -9.69
CA ASP B 100 9.08 -13.16 -9.13
C ASP B 100 9.75 -14.23 -9.97
N VAL B 101 10.85 -14.74 -9.48
CA VAL B 101 11.64 -15.70 -10.24
C VAL B 101 10.84 -16.96 -10.54
N GLY B 102 10.08 -17.42 -9.55
CA GLY B 102 9.22 -18.57 -9.71
C GLY B 102 8.15 -18.37 -10.77
N ALA B 103 7.68 -17.13 -10.91
CA ALA B 103 6.73 -16.80 -11.96
C ALA B 103 7.37 -17.01 -13.33
N ALA B 104 8.59 -16.49 -13.51
CA ALA B 104 9.29 -16.67 -14.76
C ALA B 104 9.52 -18.18 -15.04
N LEU B 105 9.82 -18.94 -14.00
CA LEU B 105 10.13 -20.37 -14.22
C LEU B 105 8.88 -21.17 -14.56
N ALA B 106 7.69 -20.73 -14.10
CA ALA B 106 6.44 -21.42 -14.43
C ALA B 106 5.96 -21.06 -15.86
N GLY B 107 6.67 -20.16 -16.53
CA GLY B 107 6.26 -19.63 -17.82
C GLY B 107 5.26 -18.47 -17.78
N ASP B 108 5.04 -17.86 -16.63
CA ASP B 108 4.07 -16.76 -16.52
C ASP B 108 4.77 -15.43 -16.81
N LEU B 109 5.20 -15.26 -18.05
CA LEU B 109 5.86 -14.04 -18.51
C LEU B 109 4.90 -12.84 -18.58
N ASP B 110 3.62 -13.04 -18.89
CA ASP B 110 2.61 -11.95 -18.73
C ASP B 110 2.64 -11.42 -17.28
N GLY B 111 2.70 -12.33 -16.31
CA GLY B 111 2.73 -11.95 -14.89
C GLY B 111 3.99 -11.18 -14.56
N VAL B 112 5.13 -11.65 -15.08
CA VAL B 112 6.40 -10.98 -14.83
C VAL B 112 6.39 -9.59 -15.45
N ARG B 113 5.95 -9.50 -16.69
CA ARG B 113 5.81 -8.19 -17.32
C ARG B 113 4.85 -7.26 -16.51
N ALA B 114 3.71 -7.78 -16.06
CA ALA B 114 2.73 -6.95 -15.33
C ALA B 114 3.34 -6.50 -14.02
N ASP B 115 4.09 -7.40 -13.38
CA ASP B 115 4.77 -7.08 -12.14
C ASP B 115 5.77 -5.90 -12.36
N ILE B 116 6.49 -5.91 -13.48
CA ILE B 116 7.48 -4.88 -13.77
C ILE B 116 6.77 -3.57 -14.16
N ALA B 117 5.72 -3.66 -14.97
CA ALA B 117 4.93 -2.46 -15.33
C ALA B 117 4.28 -1.76 -14.14
N ALA B 118 3.88 -2.52 -13.13
CA ALA B 118 3.38 -1.91 -11.90
C ALA B 118 4.46 -1.00 -11.28
N VAL B 119 5.68 -1.53 -11.13
CA VAL B 119 6.76 -0.72 -10.56
C VAL B 119 7.07 0.48 -11.46
N ARG B 120 7.11 0.24 -12.76
CA ARG B 120 7.31 1.29 -13.74
C ARG B 120 6.35 2.42 -13.57
N GLY B 121 5.05 2.11 -13.44
CA GLY B 121 4.03 3.15 -13.29
C GLY B 121 4.07 3.89 -11.95
N ALA B 122 4.77 3.34 -10.96
CA ALA B 122 4.82 3.96 -9.64
C ALA B 122 6.04 4.83 -9.42
N VAL B 123 7.09 4.76 -10.26
CA VAL B 123 8.32 5.51 -9.98
C VAL B 123 8.52 6.71 -10.90
N GLY B 124 7.62 6.85 -11.87
CA GLY B 124 7.59 8.02 -12.70
C GLY B 124 8.83 8.09 -13.54
N GLY B 125 9.61 9.14 -13.33
CA GLY B 125 10.81 9.38 -14.10
C GLY B 125 12.08 8.72 -13.59
N ALA B 126 12.01 7.92 -12.53
CA ALA B 126 13.19 7.23 -11.98
C ALA B 126 13.82 6.25 -12.99
N VAL B 127 15.14 6.01 -12.89
CA VAL B 127 15.73 4.90 -13.65
C VAL B 127 15.25 3.59 -13.02
N LEU B 128 14.63 2.72 -13.81
CA LEU B 128 14.16 1.40 -13.29
C LEU B 128 15.03 0.27 -13.82
N LYS B 129 15.66 -0.48 -12.91
CA LYS B 129 16.45 -1.65 -13.27
C LYS B 129 15.71 -2.88 -12.82
N VAL B 130 15.70 -3.93 -13.64
CA VAL B 130 15.04 -5.17 -13.31
C VAL B 130 16.05 -6.30 -13.13
N ILE B 131 16.13 -6.76 -11.88
CA ILE B 131 16.92 -7.95 -11.55
C ILE B 131 16.19 -9.20 -12.00
N VAL B 132 16.82 -9.91 -12.92
CA VAL B 132 16.23 -11.12 -13.48
C VAL B 132 16.70 -12.39 -12.80
N GLU B 133 17.66 -12.26 -11.90
CA GLU B 133 18.33 -13.41 -11.23
C GLU B 133 18.79 -14.42 -12.25
N SER B 134 19.64 -13.94 -13.16
CA SER B 134 20.11 -14.70 -14.29
C SER B 134 20.74 -16.05 -13.91
N SER B 135 21.39 -16.14 -12.77
CA SER B 135 22.02 -17.42 -12.42
C SER B 135 20.95 -18.47 -12.10
N ALA B 136 19.83 -18.04 -11.56
CA ALA B 136 18.75 -18.97 -11.28
C ALA B 136 18.02 -19.34 -12.55
N LEU B 137 17.83 -18.39 -13.45
CA LEU B 137 17.08 -18.66 -14.69
C LEU B 137 17.86 -19.65 -15.56
N LEU B 138 19.16 -19.44 -15.68
CA LEU B 138 20.01 -20.37 -16.46
C LEU B 138 20.15 -21.74 -15.82
N ALA B 139 20.28 -21.81 -14.50
CA ALA B 139 20.41 -23.10 -13.81
C ALA B 139 19.11 -23.89 -13.81
N LEU B 140 17.96 -23.21 -13.68
CA LEU B 140 16.69 -23.92 -13.48
C LEU B 140 15.80 -23.95 -14.73
N ALA B 141 16.13 -23.11 -15.71
CA ALA B 141 15.39 -23.08 -16.98
C ALA B 141 16.41 -23.12 -18.13
N ASP B 142 16.53 -22.04 -18.91
CA ASP B 142 17.40 -22.06 -20.07
C ASP B 142 17.65 -20.66 -20.58
N GLU B 143 18.57 -20.55 -21.55
CA GLU B 143 18.93 -19.26 -22.11
C GLU B 143 17.71 -18.52 -22.69
N HIS B 144 16.77 -19.27 -23.27
CA HIS B 144 15.66 -18.65 -23.93
C HIS B 144 14.76 -17.94 -22.90
N THR B 145 14.57 -18.59 -21.76
CA THR B 145 13.83 -18.01 -20.65
C THR B 145 14.47 -16.72 -20.13
N LEU B 146 15.79 -16.70 -20.03
CA LEU B 146 16.50 -15.47 -19.64
C LEU B 146 16.21 -14.33 -20.63
N VAL B 147 16.24 -14.63 -21.93
CA VAL B 147 15.96 -13.63 -22.96
C VAL B 147 14.52 -13.13 -22.87
N ARG B 148 13.56 -14.06 -22.66
CA ARG B 148 12.14 -13.70 -22.58
C ARG B 148 11.89 -12.76 -21.40
N VAL B 149 12.58 -13.02 -20.29
CA VAL B 149 12.46 -12.15 -19.13
C VAL B 149 13.00 -10.76 -19.45
N CYS B 150 14.13 -10.67 -20.13
CA CYS B 150 14.64 -9.36 -20.53
C CYS B 150 13.66 -8.59 -21.40
N ARG B 151 13.05 -9.27 -22.38
CA ARG B 151 12.10 -8.62 -23.26
C ARG B 151 10.85 -8.20 -22.48
N ALA B 152 10.40 -8.98 -21.50
CA ALA B 152 9.29 -8.54 -20.65
C ALA B 152 9.66 -7.23 -19.95
N ALA B 153 10.91 -7.13 -19.52
CA ALA B 153 11.36 -5.93 -18.83
C ALA B 153 11.33 -4.76 -19.81
N GLU B 154 11.72 -5.01 -21.08
CA GLU B 154 11.66 -3.94 -22.08
C GLU B 154 10.20 -3.54 -22.39
N ASP B 155 9.36 -4.53 -22.59
CA ASP B 155 7.94 -4.33 -22.82
C ASP B 155 7.30 -3.49 -21.71
N ALA B 156 7.77 -3.68 -20.48
CA ALA B 156 7.14 -3.01 -19.32
C ALA B 156 7.66 -1.62 -19.07
N GLY B 157 8.68 -1.20 -19.81
CA GLY B 157 9.20 0.16 -19.73
C GLY B 157 10.48 0.30 -18.91
N ALA B 158 11.07 -0.82 -18.50
CA ALA B 158 12.30 -0.79 -17.69
C ALA B 158 13.42 -0.10 -18.47
N ASP B 159 14.38 0.51 -17.76
CA ASP B 159 15.56 1.20 -18.36
C ASP B 159 16.82 0.33 -18.41
N PHE B 160 16.86 -0.67 -17.52
CA PHE B 160 18.01 -1.57 -17.37
C PHE B 160 17.50 -2.97 -17.12
N VAL B 161 18.30 -3.96 -17.51
CA VAL B 161 18.23 -5.28 -16.92
C VAL B 161 19.48 -5.52 -16.11
N LYS B 162 19.34 -6.32 -15.05
CA LYS B 162 20.44 -6.52 -14.11
C LYS B 162 20.52 -7.99 -13.75
N THR B 163 21.76 -8.53 -13.55
CA THR B 163 21.90 -9.96 -13.38
C THR B 163 21.38 -10.56 -12.07
N SER B 164 21.76 -10.00 -10.93
CA SER B 164 21.68 -10.75 -9.72
C SER B 164 21.48 -9.90 -8.47
N THR B 165 20.87 -10.50 -7.46
CA THR B 165 20.70 -9.86 -6.18
C THR B 165 21.99 -9.93 -5.39
N GLY B 166 22.81 -10.96 -5.69
CA GLY B 166 23.99 -11.30 -4.91
C GLY B 166 23.63 -12.12 -3.67
N PHE B 167 22.38 -12.61 -3.62
CA PHE B 167 21.93 -13.37 -2.46
C PHE B 167 21.39 -14.75 -2.83
N HIS B 168 21.28 -15.06 -4.12
CA HIS B 168 20.65 -16.31 -4.48
C HIS B 168 21.71 -17.43 -4.49
N PRO B 169 21.37 -18.63 -3.95
CA PRO B 169 22.37 -19.69 -3.90
C PRO B 169 22.97 -20.02 -5.27
N SER B 170 22.18 -19.90 -6.34
CA SER B 170 22.71 -20.19 -7.68
C SER B 170 23.85 -19.26 -8.08
N GLY B 171 24.07 -18.18 -7.31
CA GLY B 171 25.23 -17.31 -7.54
C GLY B 171 24.88 -15.97 -8.19
N GLY B 172 25.86 -15.43 -8.93
CA GLY B 172 25.83 -14.04 -9.40
C GLY B 172 25.96 -13.91 -10.91
N ALA B 173 26.58 -12.82 -11.34
CA ALA B 173 26.79 -12.51 -12.74
C ALA B 173 27.84 -13.42 -13.35
N SER B 174 27.53 -13.89 -14.55
CA SER B 174 28.48 -14.63 -15.39
C SER B 174 28.61 -13.87 -16.70
N VAL B 175 29.70 -14.10 -17.42
CA VAL B 175 30.01 -13.40 -18.67
C VAL B 175 28.94 -13.73 -19.72
N ARG B 176 28.50 -14.99 -19.72
CA ARG B 176 27.53 -15.46 -20.67
C ARG B 176 26.15 -14.84 -20.43
N ALA B 177 25.76 -14.72 -19.16
CA ALA B 177 24.48 -14.10 -18.84
C ALA B 177 24.48 -12.68 -19.34
N VAL B 178 25.54 -11.94 -19.02
CA VAL B 178 25.65 -10.54 -19.43
C VAL B 178 25.66 -10.41 -20.97
N ALA B 179 26.34 -11.34 -21.63
CA ALA B 179 26.50 -11.31 -23.09
C ALA B 179 25.17 -11.57 -23.76
N LEU B 180 24.44 -12.56 -23.25
CA LEU B 180 23.06 -12.79 -23.69
C LEU B 180 22.16 -11.57 -23.50
N MET B 181 22.23 -10.96 -22.33
CA MET B 181 21.34 -9.86 -21.99
C MET B 181 21.65 -8.64 -22.84
N ALA B 182 22.95 -8.42 -23.09
CA ALA B 182 23.40 -7.31 -23.94
C ALA B 182 23.03 -7.55 -25.40
N GLU B 183 23.17 -8.78 -25.87
CA GLU B 183 22.74 -9.11 -27.22
C GLU B 183 21.24 -8.88 -27.36
N ALA B 184 20.45 -9.32 -26.37
CA ALA B 184 18.98 -9.26 -26.45
C ALA B 184 18.41 -7.82 -26.42
N VAL B 185 18.84 -7.02 -25.44
CA VAL B 185 18.30 -5.67 -25.23
C VAL B 185 19.37 -4.56 -25.21
N GLY B 186 20.63 -4.91 -25.53
CA GLY B 186 21.71 -3.92 -25.54
C GLY B 186 21.51 -2.82 -26.58
N GLY B 187 21.90 -1.59 -26.22
CA GLY B 187 21.65 -0.39 -27.03
C GLY B 187 20.24 0.21 -26.84
N ARG B 188 19.33 -0.56 -26.25
CA ARG B 188 17.98 -0.09 -25.89
C ARG B 188 17.79 -0.02 -24.37
N LEU B 189 18.23 -1.05 -23.66
CA LEU B 189 18.27 -0.98 -22.19
C LEU B 189 19.70 -1.09 -21.71
N GLY B 190 20.03 -0.45 -20.61
CA GLY B 190 21.34 -0.66 -19.97
C GLY B 190 21.39 -2.09 -19.44
N VAL B 191 22.59 -2.60 -19.18
CA VAL B 191 22.77 -3.92 -18.58
C VAL B 191 23.70 -3.78 -17.39
N LYS B 192 23.20 -4.12 -16.20
CA LYS B 192 23.98 -4.01 -14.99
C LYS B 192 24.38 -5.41 -14.56
N ALA B 193 25.68 -5.66 -14.50
CA ALA B 193 26.24 -6.89 -13.94
C ALA B 193 26.47 -6.73 -12.44
N SER B 194 26.02 -7.69 -11.64
CA SER B 194 26.11 -7.61 -10.20
C SER B 194 26.26 -9.01 -9.63
N GLY B 195 26.80 -9.08 -8.41
CA GLY B 195 26.93 -10.34 -7.70
C GLY B 195 28.24 -11.06 -7.98
N GLY B 196 29.14 -11.10 -7.00
CA GLY B 196 30.42 -11.84 -7.12
C GLY B 196 31.52 -11.15 -7.92
N ILE B 197 31.36 -9.85 -8.19
CA ILE B 197 32.35 -9.08 -8.93
C ILE B 197 33.35 -8.54 -7.92
N ARG B 198 34.47 -9.26 -7.78
CA ARG B 198 35.40 -9.11 -6.66
C ARG B 198 36.76 -8.51 -7.06
N THR B 199 37.12 -8.62 -8.33
CA THR B 199 38.43 -8.12 -8.80
C THR B 199 38.31 -7.20 -10.00
N ALA B 200 39.40 -6.50 -10.28
CA ALA B 200 39.52 -5.65 -11.46
C ALA B 200 39.21 -6.45 -12.70
N ALA B 201 39.75 -7.67 -12.78
CA ALA B 201 39.54 -8.53 -13.95
C ALA B 201 38.08 -8.93 -14.13
N ASP B 202 37.40 -9.21 -13.02
CA ASP B 202 35.96 -9.53 -13.04
C ASP B 202 35.18 -8.36 -13.61
N ALA B 203 35.46 -7.17 -13.09
CA ALA B 203 34.83 -5.93 -13.57
C ALA B 203 34.99 -5.81 -15.08
N LEU B 204 36.24 -5.85 -15.53
CA LEU B 204 36.53 -5.62 -16.95
C LEU B 204 35.90 -6.68 -17.82
N ALA B 205 35.81 -7.92 -17.33
CA ALA B 205 35.19 -9.02 -18.09
C ALA B 205 33.66 -8.79 -18.27
N MET B 206 33.03 -8.23 -17.24
CA MET B 206 31.58 -7.89 -17.38
C MET B 206 31.36 -6.72 -18.34
N LEU B 207 32.23 -5.72 -18.31
CA LEU B 207 32.11 -4.58 -19.22
C LEU B 207 32.30 -5.00 -20.67
N ASP B 208 33.26 -5.91 -20.87
CA ASP B 208 33.53 -6.47 -22.20
CA ASP B 208 33.54 -6.49 -22.18
C ASP B 208 32.38 -7.33 -22.70
N ALA B 209 31.70 -8.04 -21.79
CA ALA B 209 30.55 -8.86 -22.15
C ALA B 209 29.33 -8.00 -22.48
N GLY B 210 29.37 -6.72 -22.15
CA GLY B 210 28.27 -5.81 -22.50
C GLY B 210 27.59 -5.07 -21.35
N ALA B 211 28.14 -5.13 -20.12
CA ALA B 211 27.55 -4.41 -19.02
C ALA B 211 27.84 -2.91 -19.21
N THR B 212 26.88 -2.08 -18.83
CA THR B 212 27.05 -0.63 -18.85
C THR B 212 27.00 -0.03 -17.44
N ARG B 213 26.91 -0.89 -16.43
CA ARG B 213 26.89 -0.50 -15.04
C ARG B 213 27.26 -1.73 -14.27
N LEU B 214 27.84 -1.54 -13.07
CA LEU B 214 28.35 -2.63 -12.23
C LEU B 214 27.86 -2.42 -10.81
N GLY B 215 27.44 -3.49 -10.16
CA GLY B 215 27.06 -3.38 -8.75
C GLY B 215 28.16 -4.03 -7.96
N LEU B 216 28.82 -3.27 -7.10
CA LEU B 216 29.91 -3.77 -6.27
C LEU B 216 29.75 -3.34 -4.82
N SER B 217 30.21 -4.20 -3.91
CA SER B 217 30.39 -3.84 -2.52
C SER B 217 31.86 -3.48 -2.24
N GLY B 218 32.82 -4.24 -2.77
CA GLY B 218 34.25 -3.97 -2.50
C GLY B 218 34.91 -3.16 -3.62
N THR B 219 34.37 -1.98 -3.91
CA THR B 219 34.82 -1.14 -5.01
C THR B 219 36.30 -0.71 -4.92
N ARG B 220 36.76 -0.31 -3.73
CA ARG B 220 38.12 0.14 -3.56
C ARG B 220 39.08 -0.96 -4.01
N ALA B 221 38.87 -2.18 -3.52
CA ALA B 221 39.70 -3.32 -3.91
C ALA B 221 39.65 -3.54 -5.43
N VAL B 222 38.48 -3.37 -6.04
CA VAL B 222 38.34 -3.60 -7.49
C VAL B 222 39.18 -2.55 -8.24
N LEU B 223 39.03 -1.28 -7.84
CA LEU B 223 39.82 -0.21 -8.47
C LEU B 223 41.33 -0.36 -8.26
N ASP B 224 41.74 -0.76 -7.05
CA ASP B 224 43.15 -0.97 -6.74
C ASP B 224 43.82 -1.96 -7.73
N GLY B 225 43.10 -2.98 -8.18
CA GLY B 225 43.62 -4.01 -9.09
C GLY B 225 43.97 -3.53 -10.50
N LEU B 226 43.65 -2.27 -10.79
CA LEU B 226 44.19 -1.59 -11.97
C LEU B 226 45.55 -0.98 -11.68
N PRO C 7 -45.29 -7.35 2.01
CA PRO C 7 -43.85 -7.23 2.36
C PRO C 7 -43.63 -6.71 3.79
N THR C 8 -43.25 -7.57 4.73
CA THR C 8 -43.23 -7.15 6.16
C THR C 8 -42.01 -6.32 6.50
N ARG C 9 -42.19 -5.58 7.60
CA ARG C 9 -41.13 -4.83 8.20
C ARG C 9 -39.83 -5.68 8.41
N ALA C 10 -39.92 -6.82 9.07
CA ALA C 10 -38.75 -7.72 9.17
C ALA C 10 -38.25 -8.14 7.77
N GLN C 11 -39.16 -8.42 6.82
CA GLN C 11 -38.73 -8.85 5.47
C GLN C 11 -38.00 -7.75 4.72
N LEU C 12 -38.50 -6.52 4.77
CA LEU C 12 -37.84 -5.40 4.08
C LEU C 12 -36.50 -5.13 4.73
N ALA C 13 -36.45 -5.21 6.06
CA ALA C 13 -35.21 -4.93 6.81
C ALA C 13 -34.09 -5.89 6.45
N ALA C 14 -34.45 -7.14 6.12
CA ALA C 14 -33.47 -8.15 5.71
C ALA C 14 -32.77 -7.84 4.39
N PHE C 15 -33.25 -6.84 3.64
CA PHE C 15 -32.63 -6.40 2.41
C PHE C 15 -31.61 -5.29 2.62
N VAL C 16 -31.50 -4.79 3.85
CA VAL C 16 -30.91 -3.48 4.10
C VAL C 16 -29.51 -3.51 4.69
N ASP C 17 -28.64 -2.66 4.14
CA ASP C 17 -27.34 -2.33 4.67
C ASP C 17 -27.59 -0.96 5.36
N HIS C 18 -27.61 -0.96 6.69
CA HIS C 18 -27.89 0.24 7.48
C HIS C 18 -26.59 0.99 7.58
N THR C 19 -26.57 2.24 7.12
CA THR C 19 -25.32 2.92 6.71
C THR C 19 -25.05 4.26 7.40
N LEU C 20 -23.78 4.51 7.72
CA LEU C 20 -23.28 5.79 8.18
C LEU C 20 -21.90 6.02 7.56
N LEU C 21 -21.78 7.06 6.76
CA LEU C 21 -20.57 7.31 5.99
C LEU C 21 -20.13 8.78 6.06
N LYS C 22 -20.74 9.56 6.95
CA LYS C 22 -20.39 10.96 7.06
C LYS C 22 -18.92 11.12 7.51
N PRO C 23 -18.19 12.11 6.93
CA PRO C 23 -16.80 12.32 7.29
C PRO C 23 -16.61 12.66 8.78
N GLU C 24 -17.64 13.21 9.40
CA GLU C 24 -17.58 13.64 10.79
C GLU C 24 -17.96 12.55 11.77
N ALA C 25 -18.31 11.37 11.25
CA ALA C 25 -18.74 10.24 12.10
C ALA C 25 -17.69 9.86 13.10
N THR C 26 -18.12 9.66 14.34
CA THR C 26 -17.26 9.20 15.43
C THR C 26 -17.53 7.72 15.75
N ALA C 27 -16.63 7.12 16.52
CA ALA C 27 -16.80 5.74 17.00
C ALA C 27 -18.12 5.59 17.73
N ALA C 28 -18.51 6.58 18.52
CA ALA C 28 -19.79 6.51 19.26
C ALA C 28 -21.01 6.50 18.31
N ASP C 29 -20.91 7.27 17.22
CA ASP C 29 -21.94 7.29 16.18
C ASP C 29 -22.05 5.90 15.60
N VAL C 30 -20.91 5.24 15.36
CA VAL C 30 -20.89 3.89 14.75
C VAL C 30 -21.43 2.83 15.73
N ALA C 31 -21.14 2.99 17.02
CA ALA C 31 -21.72 2.15 18.02
C ALA C 31 -23.25 2.27 18.06
N ALA C 32 -23.78 3.50 18.00
CA ALA C 32 -25.23 3.66 17.98
C ALA C 32 -25.85 3.10 16.68
N LEU C 33 -25.15 3.27 15.55
CA LEU C 33 -25.58 2.67 14.27
C LEU C 33 -25.77 1.16 14.40
N VAL C 34 -24.80 0.47 15.01
CA VAL C 34 -24.88 -0.98 15.19
C VAL C 34 -26.02 -1.39 16.12
N THR C 35 -26.24 -0.65 17.19
CA THR C 35 -27.35 -0.93 18.07
C THR C 35 -28.64 -0.77 17.31
N GLU C 36 -28.78 0.29 16.52
CA GLU C 36 -30.02 0.50 15.79
C GLU C 36 -30.23 -0.61 14.72
N ALA C 37 -29.14 -1.02 14.08
CA ALA C 37 -29.20 -2.12 13.10
C ALA C 37 -29.73 -3.41 13.72
N ALA C 38 -29.26 -3.75 14.90
CA ALA C 38 -29.67 -4.97 15.59
C ALA C 38 -31.13 -4.90 15.97
N GLU C 39 -31.55 -3.75 16.46
CA GLU C 39 -32.96 -3.53 16.84
C GLU C 39 -33.86 -3.60 15.58
N LEU C 40 -33.38 -3.11 14.45
CA LEU C 40 -34.22 -3.12 13.24
C LEU C 40 -34.22 -4.47 12.48
N GLY C 41 -33.27 -5.36 12.79
CA GLY C 41 -33.18 -6.65 12.11
C GLY C 41 -32.69 -6.56 10.66
N VAL C 42 -31.77 -5.65 10.40
CA VAL C 42 -31.24 -5.47 9.08
C VAL C 42 -30.16 -6.50 8.76
N TYR C 43 -29.72 -6.51 7.50
CA TYR C 43 -28.75 -7.52 7.03
C TYR C 43 -27.31 -7.19 7.43
N ALA C 44 -26.91 -5.94 7.28
CA ALA C 44 -25.55 -5.51 7.63
C ALA C 44 -25.52 -4.05 8.04
N VAL C 45 -24.41 -3.60 8.61
CA VAL C 45 -24.11 -2.18 8.71
C VAL C 45 -23.06 -1.87 7.69
N CYS C 46 -23.13 -0.67 7.13
CA CYS C 46 -22.10 -0.23 6.21
C CYS C 46 -21.47 1.04 6.78
N VAL C 47 -20.15 1.00 7.00
CA VAL C 47 -19.41 2.08 7.61
C VAL C 47 -18.15 2.38 6.81
N SER C 48 -17.44 3.46 7.16
CA SER C 48 -16.24 3.89 6.46
C SER C 48 -15.08 3.02 6.95
N PRO C 49 -14.06 2.86 6.13
CA PRO C 49 -13.04 1.86 6.44
C PRO C 49 -12.40 1.96 7.84
N PRO C 50 -12.07 3.18 8.29
CA PRO C 50 -11.38 3.17 9.59
C PRO C 50 -12.32 2.91 10.72
N MET C 51 -13.64 2.84 10.46
CA MET C 51 -14.63 2.58 11.50
C MET C 51 -14.96 1.09 11.65
N VAL C 52 -14.33 0.23 10.87
CA VAL C 52 -14.66 -1.21 10.92
C VAL C 52 -14.37 -1.86 12.30
N PRO C 53 -13.21 -1.58 12.92
CA PRO C 53 -12.96 -2.10 14.28
C PRO C 53 -14.09 -1.78 15.26
N ALA C 54 -14.48 -0.51 15.32
CA ALA C 54 -15.61 0.00 16.14
C ALA C 54 -16.95 -0.70 15.84
N ALA C 55 -17.22 -0.96 14.57
CA ALA C 55 -18.44 -1.62 14.20
C ALA C 55 -18.36 -3.08 14.67
N VAL C 56 -17.27 -3.76 14.38
CA VAL C 56 -17.10 -5.14 14.81
C VAL C 56 -17.21 -5.25 16.38
N GLN C 57 -16.54 -4.33 17.08
CA GLN C 57 -16.55 -4.32 18.55
C GLN C 57 -17.90 -3.90 19.20
N ALA C 58 -18.84 -3.31 18.45
CA ALA C 58 -20.08 -2.79 19.06
C ALA C 58 -21.18 -3.84 19.23
N GLY C 59 -20.94 -5.06 18.74
CA GLY C 59 -21.90 -6.15 18.87
C GLY C 59 -21.21 -7.51 18.79
N ALA C 60 -22.03 -8.55 18.90
CA ALA C 60 -21.61 -9.92 18.66
C ALA C 60 -22.11 -10.33 17.27
N GLY C 61 -21.19 -10.78 16.42
CA GLY C 61 -21.54 -11.29 15.08
C GLY C 61 -22.15 -10.27 14.13
N VAL C 62 -21.72 -9.02 14.28
CA VAL C 62 -22.18 -7.93 13.41
C VAL C 62 -21.72 -8.19 11.99
N ARG C 63 -22.63 -8.20 11.02
CA ARG C 63 -22.21 -8.26 9.62
CA ARG C 63 -22.20 -8.26 9.62
C ARG C 63 -21.85 -6.84 9.16
N VAL C 64 -20.57 -6.63 8.84
CA VAL C 64 -20.07 -5.30 8.51
C VAL C 64 -19.58 -5.24 7.08
N ALA C 65 -20.11 -4.28 6.35
CA ALA C 65 -19.65 -3.90 5.04
C ALA C 65 -18.89 -2.59 5.17
N SER C 66 -17.80 -2.46 4.41
CA SER C 66 -17.08 -1.20 4.37
C SER C 66 -16.99 -0.76 2.93
N VAL C 67 -16.66 0.50 2.71
CA VAL C 67 -16.53 1.06 1.38
C VAL C 67 -15.05 1.08 1.07
N ALA C 68 -14.72 1.14 -0.21
CA ALA C 68 -13.34 1.24 -0.64
C ALA C 68 -13.25 2.21 -1.82
N GLY C 69 -12.21 3.03 -1.82
CA GLY C 69 -12.07 4.06 -2.83
C GLY C 69 -13.22 5.04 -2.88
N PHE C 70 -13.77 5.38 -1.73
CA PHE C 70 -15.10 6.02 -1.62
C PHE C 70 -15.01 7.42 -1.00
N PRO C 71 -15.80 8.39 -1.51
CA PRO C 71 -16.81 8.28 -2.55
C PRO C 71 -16.38 8.61 -3.98
N SER C 72 -15.16 9.10 -4.21
CA SER C 72 -14.84 9.66 -5.52
C SER C 72 -14.48 8.65 -6.57
N GLY C 73 -13.99 7.47 -6.16
CA GLY C 73 -13.50 6.50 -7.13
C GLY C 73 -12.11 6.85 -7.67
N LYS C 74 -11.59 8.01 -7.32
CA LYS C 74 -10.35 8.54 -7.89
C LYS C 74 -9.18 8.16 -6.98
N HIS C 75 -8.89 6.87 -6.95
CA HIS C 75 -7.73 6.36 -6.27
C HIS C 75 -7.13 5.33 -7.20
N VAL C 76 -5.81 5.19 -7.24
CA VAL C 76 -5.21 4.14 -8.06
C VAL C 76 -5.63 2.79 -7.48
N SER C 77 -5.72 1.79 -8.34
CA SER C 77 -6.26 0.46 -8.00
C SER C 77 -5.58 -0.21 -6.80
N ALA C 78 -4.27 -0.08 -6.72
CA ALA C 78 -3.48 -0.62 -5.58
C ALA C 78 -3.89 -0.05 -4.23
N VAL C 79 -4.32 1.21 -4.28
CA VAL C 79 -4.76 1.90 -3.09
C VAL C 79 -6.14 1.40 -2.69
N LYS C 80 -7.04 1.22 -3.65
CA LYS C 80 -8.37 0.68 -3.35
C LYS C 80 -8.24 -0.74 -2.78
N ALA C 81 -7.35 -1.54 -3.37
CA ALA C 81 -7.13 -2.93 -2.93
C ALA C 81 -6.58 -2.96 -1.51
N HIS C 82 -5.59 -2.12 -1.25
CA HIS C 82 -4.95 -2.06 0.06
C HIS C 82 -5.99 -1.73 1.13
N GLU C 83 -6.82 -0.74 0.84
CA GLU C 83 -7.91 -0.32 1.72
C GLU C 83 -8.91 -1.44 1.99
N ALA C 84 -9.40 -2.06 0.92
CA ALA C 84 -10.29 -3.19 1.02
C ALA C 84 -9.66 -4.34 1.85
N ALA C 85 -8.40 -4.68 1.59
CA ALA C 85 -7.73 -5.73 2.35
C ALA C 85 -7.60 -5.39 3.87
N LEU C 86 -7.22 -4.15 4.21
CA LEU C 86 -7.17 -3.75 5.64
C LEU C 86 -8.56 -3.87 6.30
N ALA C 87 -9.61 -3.50 5.57
CA ALA C 87 -10.98 -3.61 6.07
C ALA C 87 -11.34 -5.06 6.34
N VAL C 88 -11.08 -5.96 5.38
CA VAL C 88 -11.33 -7.40 5.56
C VAL C 88 -10.49 -7.95 6.74
N ALA C 89 -9.25 -7.52 6.82
CA ALA C 89 -8.36 -7.92 7.93
C ALA C 89 -8.90 -7.43 9.25
N SER C 90 -9.62 -6.30 9.25
CA SER C 90 -10.22 -5.81 10.52
C SER C 90 -11.58 -6.41 10.80
N GLY C 91 -12.11 -7.26 9.92
CA GLY C 91 -13.39 -7.95 10.17
C GLY C 91 -14.54 -7.69 9.21
N ALA C 92 -14.31 -6.90 8.15
CA ALA C 92 -15.37 -6.62 7.16
C ALA C 92 -15.71 -7.87 6.34
N ALA C 93 -17.00 -8.15 6.20
CA ALA C 93 -17.49 -9.29 5.42
C ALA C 93 -17.72 -8.92 3.98
N GLU C 94 -17.92 -7.63 3.73
CA GLU C 94 -18.25 -7.15 2.40
C GLU C 94 -17.58 -5.82 2.14
N ILE C 95 -17.37 -5.51 0.86
CA ILE C 95 -16.73 -4.31 0.43
C ILE C 95 -17.53 -3.70 -0.68
N ASP C 96 -17.88 -2.42 -0.54
CA ASP C 96 -18.53 -1.66 -1.59
C ASP C 96 -17.50 -0.67 -2.17
N MET C 97 -16.90 -1.00 -3.32
CA MET C 97 -15.91 -0.12 -3.96
C MET C 97 -16.54 0.83 -4.95
N VAL C 98 -15.85 1.94 -5.24
CA VAL C 98 -16.25 2.85 -6.30
C VAL C 98 -15.31 2.77 -7.49
N ILE C 99 -15.90 2.69 -8.70
CA ILE C 99 -15.11 2.75 -9.95
C ILE C 99 -14.52 4.15 -10.22
N ASP C 100 -13.54 4.23 -11.11
CA ASP C 100 -13.12 5.54 -11.65
C ASP C 100 -14.17 5.90 -12.69
N VAL C 101 -15.08 6.80 -12.31
CA VAL C 101 -16.23 7.15 -13.13
C VAL C 101 -15.75 7.82 -14.42
N GLY C 102 -14.79 8.73 -14.31
CA GLY C 102 -14.11 9.32 -15.47
C GLY C 102 -13.48 8.32 -16.45
N ALA C 103 -12.90 7.25 -15.93
CA ALA C 103 -12.45 6.14 -16.78
C ALA C 103 -13.60 5.52 -17.58
N ALA C 104 -14.75 5.28 -16.95
CA ALA C 104 -15.87 4.72 -17.69
C ALA C 104 -16.32 5.67 -18.79
N LEU C 105 -16.40 6.96 -18.49
CA LEU C 105 -16.90 7.95 -19.44
C LEU C 105 -15.95 8.17 -20.61
N ALA C 106 -14.64 8.07 -20.36
CA ALA C 106 -13.67 8.13 -21.44
C ALA C 106 -13.69 6.88 -22.34
N GLY C 107 -14.42 5.84 -21.94
CA GLY C 107 -14.46 4.59 -22.70
C GLY C 107 -13.37 3.57 -22.37
N ASP C 108 -12.64 3.77 -21.27
CA ASP C 108 -11.58 2.83 -20.87
C ASP C 108 -12.13 1.68 -20.02
N LEU C 109 -12.90 0.83 -20.67
CA LEU C 109 -13.57 -0.25 -19.96
C LEU C 109 -12.58 -1.30 -19.47
N ASP C 110 -11.51 -1.52 -20.24
CA ASP C 110 -10.45 -2.42 -19.78
C ASP C 110 -9.95 -1.94 -18.41
N GLY C 111 -9.74 -0.64 -18.26
CA GLY C 111 -9.17 -0.06 -17.07
C GLY C 111 -10.13 -0.21 -15.90
N VAL C 112 -11.40 0.01 -16.17
CA VAL C 112 -12.43 -0.15 -15.15
C VAL C 112 -12.46 -1.61 -14.70
N ARG C 113 -12.53 -2.53 -15.66
CA ARG C 113 -12.48 -3.97 -15.36
C ARG C 113 -11.22 -4.36 -14.56
N ALA C 114 -10.04 -3.84 -14.91
CA ALA C 114 -8.81 -4.18 -14.16
C ALA C 114 -8.82 -3.58 -12.75
N ASP C 115 -9.45 -2.43 -12.60
CA ASP C 115 -9.49 -1.74 -11.29
C ASP C 115 -10.33 -2.60 -10.33
N ILE C 116 -11.46 -3.11 -10.83
CA ILE C 116 -12.34 -4.00 -10.07
C ILE C 116 -11.64 -5.36 -9.84
N ALA C 117 -10.92 -5.86 -10.84
CA ALA C 117 -10.21 -7.15 -10.66
C ALA C 117 -9.11 -7.02 -9.58
N ALA C 118 -8.47 -5.86 -9.48
CA ALA C 118 -7.46 -5.65 -8.43
C ALA C 118 -8.06 -5.77 -7.02
N VAL C 119 -9.19 -5.11 -6.80
CA VAL C 119 -9.85 -5.22 -5.49
C VAL C 119 -10.39 -6.64 -5.28
N ARG C 120 -10.96 -7.26 -6.31
CA ARG C 120 -11.44 -8.63 -6.25
C ARG C 120 -10.33 -9.60 -5.79
N GLY C 121 -9.13 -9.46 -6.35
CA GLY C 121 -8.03 -10.32 -5.99
C GLY C 121 -7.53 -10.07 -4.57
N ALA C 122 -7.79 -8.90 -4.02
CA ALA C 122 -7.27 -8.55 -2.70
C ALA C 122 -8.16 -8.98 -1.55
N VAL C 123 -9.47 -9.11 -1.76
N VAL C 123 -9.47 -9.12 -1.81
CA VAL C 123 -10.38 -9.38 -0.65
CA VAL C 123 -10.43 -9.52 -0.80
C VAL C 123 -10.59 -10.89 -0.48
C VAL C 123 -11.29 -10.65 -1.32
N GLY C 124 -10.46 -11.57 -1.62
N GLY C 124 -10.65 -11.81 -1.48
CA GLY C 124 -10.69 -13.01 -1.72
CA GLY C 124 -11.25 -12.92 -2.16
C GLY C 124 -12.08 -13.47 -1.33
C GLY C 124 -12.27 -13.70 -1.37
N GLY C 125 -12.23 -13.69 -0.04
CA GLY C 125 -13.38 -14.28 0.63
C GLY C 125 -14.61 -13.40 0.59
N ALA C 126 -14.39 -12.09 0.62
CA ALA C 126 -15.46 -11.12 0.86
C ALA C 126 -16.48 -10.95 -0.28
N VAL C 127 -17.67 -10.44 0.07
CA VAL C 127 -18.65 -10.04 -0.93
C VAL C 127 -18.21 -8.69 -1.46
N LEU C 128 -18.05 -8.58 -2.79
CA LEU C 128 -17.60 -7.37 -3.42
C LEU C 128 -18.75 -6.76 -4.21
N LYS C 129 -19.08 -5.51 -3.89
CA LYS C 129 -20.07 -4.73 -4.62
C LYS C 129 -19.35 -3.58 -5.32
N VAL C 130 -19.73 -3.31 -6.57
CA VAL C 130 -19.16 -2.25 -7.36
C VAL C 130 -20.16 -1.13 -7.61
N ILE C 131 -19.85 0.05 -7.07
CA ILE C 131 -20.64 1.25 -7.22
C ILE C 131 -20.33 1.85 -8.58
N VAL C 132 -21.33 1.93 -9.46
CA VAL C 132 -21.10 2.40 -10.82
C VAL C 132 -21.41 3.90 -10.97
N GLU C 133 -21.97 4.50 -9.90
CA GLU C 133 -22.51 5.88 -9.96
C GLU C 133 -23.42 6.05 -11.18
N SER C 134 -24.50 5.28 -11.19
CA SER C 134 -25.43 5.23 -12.30
C SER C 134 -26.04 6.58 -12.67
N SER C 135 -26.30 7.45 -11.68
CA SER C 135 -26.90 8.75 -12.00
C SER C 135 -25.92 9.63 -12.78
N ALA C 136 -24.63 9.40 -12.55
CA ALA C 136 -23.58 10.13 -13.23
C ALA C 136 -23.37 9.55 -14.62
N LEU C 137 -23.35 8.23 -14.74
CA LEU C 137 -23.23 7.61 -16.07
C LEU C 137 -24.43 7.97 -16.97
N LEU C 138 -25.64 7.98 -16.40
CA LEU C 138 -26.80 8.21 -17.24
C LEU C 138 -26.91 9.67 -17.62
N ALA C 139 -26.52 10.58 -16.73
CA ALA C 139 -26.56 12.02 -17.06
C ALA C 139 -25.46 12.49 -18.04
N LEU C 140 -24.28 11.86 -17.97
CA LEU C 140 -23.14 12.36 -18.72
C LEU C 140 -22.81 11.50 -19.96
N ALA C 141 -23.33 10.28 -20.02
CA ALA C 141 -23.12 9.41 -21.17
C ALA C 141 -24.48 8.87 -21.58
N ASP C 142 -24.69 7.56 -21.47
CA ASP C 142 -25.95 6.97 -21.91
C ASP C 142 -26.16 5.62 -21.24
N GLU C 143 -27.33 5.04 -21.52
CA GLU C 143 -27.74 3.77 -20.94
C GLU C 143 -26.74 2.70 -21.26
N HIS C 144 -26.26 2.70 -22.49
CA HIS C 144 -25.25 1.76 -22.98
C HIS C 144 -23.95 1.74 -22.15
N THR C 145 -23.53 2.91 -21.71
CA THR C 145 -22.36 3.04 -20.91
C THR C 145 -22.57 2.38 -19.56
N LEU C 146 -23.75 2.54 -18.97
CA LEU C 146 -24.09 1.88 -17.71
C LEU C 146 -23.98 0.36 -17.84
N VAL C 147 -24.48 -0.19 -18.95
CA VAL C 147 -24.48 -1.64 -19.16
C VAL C 147 -23.05 -2.20 -19.30
N ARG C 148 -22.22 -1.44 -20.00
CA ARG C 148 -20.85 -1.82 -20.23
C ARG C 148 -20.10 -1.90 -18.91
N VAL C 149 -20.34 -0.93 -18.03
CA VAL C 149 -19.73 -0.92 -16.71
C VAL C 149 -20.21 -2.12 -15.90
N CYS C 150 -21.50 -2.43 -15.95
CA CYS C 150 -22.00 -3.63 -15.28
C CYS C 150 -21.31 -4.89 -15.79
N ARG C 151 -21.08 -4.98 -17.09
CA ARG C 151 -20.46 -6.20 -17.62
CA ARG C 151 -20.42 -6.16 -17.69
C ARG C 151 -18.98 -6.30 -17.17
N ALA C 152 -18.28 -5.17 -17.10
CA ALA C 152 -16.93 -5.13 -16.55
C ALA C 152 -16.89 -5.66 -15.11
N ALA C 153 -17.86 -5.23 -14.29
CA ALA C 153 -18.00 -5.72 -12.91
C ALA C 153 -18.19 -7.22 -12.87
N GLU C 154 -19.06 -7.74 -13.72
CA GLU C 154 -19.27 -9.19 -13.78
C GLU C 154 -18.00 -9.90 -14.24
N ASP C 155 -17.42 -9.44 -15.35
CA ASP C 155 -16.18 -10.07 -15.88
C ASP C 155 -15.02 -10.06 -14.90
N ALA C 156 -15.03 -9.08 -14.00
CA ALA C 156 -13.96 -8.95 -13.04
C ALA C 156 -14.23 -9.73 -11.76
N GLY C 157 -15.40 -10.35 -11.64
CA GLY C 157 -15.71 -11.23 -10.50
C GLY C 157 -16.51 -10.61 -9.36
N ALA C 158 -17.03 -9.40 -9.56
CA ALA C 158 -17.87 -8.77 -8.54
C ALA C 158 -19.10 -9.63 -8.21
N ASP C 159 -19.61 -9.49 -6.98
CA ASP C 159 -20.83 -10.18 -6.52
C ASP C 159 -22.08 -9.31 -6.63
N PHE C 160 -21.89 -7.99 -6.62
CA PHE C 160 -22.98 -7.01 -6.78
C PHE C 160 -22.53 -5.87 -7.67
N VAL C 161 -23.48 -5.32 -8.41
CA VAL C 161 -23.36 -3.96 -8.90
C VAL C 161 -24.29 -3.09 -8.08
N LYS C 162 -23.87 -1.84 -7.86
CA LYS C 162 -24.53 -0.96 -6.92
C LYS C 162 -24.68 0.42 -7.54
N THR C 163 -25.83 1.07 -7.33
CA THR C 163 -26.13 2.29 -8.10
C THR C 163 -25.22 3.46 -7.74
N SER C 164 -25.09 3.78 -6.45
CA SER C 164 -24.66 5.13 -6.09
C SER C 164 -23.90 5.23 -4.79
N THR C 165 -23.08 6.28 -4.69
CA THR C 165 -22.43 6.65 -3.46
C THR C 165 -23.33 7.41 -2.48
N GLY C 166 -24.30 8.14 -3.02
CA GLY C 166 -25.11 9.06 -2.22
C GLY C 166 -24.43 10.41 -2.07
N PHE C 167 -23.28 10.60 -2.73
CA PHE C 167 -22.53 11.86 -2.61
C PHE C 167 -22.33 12.60 -3.93
N HIS C 168 -22.75 12.01 -5.05
CA HIS C 168 -22.58 12.66 -6.34
C HIS C 168 -23.76 13.59 -6.60
N PRO C 169 -23.49 14.80 -7.12
CA PRO C 169 -24.58 15.79 -7.29
C PRO C 169 -25.63 15.43 -8.35
N SER C 170 -25.29 14.53 -9.26
CA SER C 170 -26.29 13.98 -10.20
C SER C 170 -27.37 13.14 -9.50
N GLY C 171 -27.13 12.73 -8.25
CA GLY C 171 -28.13 12.04 -7.43
C GLY C 171 -27.85 10.58 -7.10
N GLY C 172 -28.92 9.80 -6.95
CA GLY C 172 -28.82 8.44 -6.43
C GLY C 172 -29.50 7.41 -7.31
N ALA C 173 -30.06 6.38 -6.69
CA ALA C 173 -30.78 5.33 -7.39
C ALA C 173 -31.94 5.90 -8.13
N SER C 174 -32.17 5.41 -9.37
CA SER C 174 -33.46 5.53 -10.05
C SER C 174 -33.97 4.15 -10.40
N VAL C 175 -35.28 3.98 -10.59
CA VAL C 175 -35.82 2.67 -10.91
C VAL C 175 -35.32 2.29 -12.31
N ARG C 176 -35.16 3.27 -13.19
CA ARG C 176 -34.61 2.99 -14.52
C ARG C 176 -33.18 2.44 -14.46
N ALA C 177 -32.33 3.02 -13.61
CA ALA C 177 -30.97 2.54 -13.48
C ALA C 177 -30.98 1.10 -12.96
N VAL C 178 -31.78 0.84 -11.92
CA VAL C 178 -31.85 -0.49 -11.33
C VAL C 178 -32.34 -1.49 -12.37
N ALA C 179 -33.40 -1.15 -13.09
CA ALA C 179 -33.93 -2.06 -14.15
C ALA C 179 -32.84 -2.39 -15.18
N LEU C 180 -32.15 -1.34 -15.61
CA LEU C 180 -31.08 -1.48 -16.60
C LEU C 180 -29.96 -2.39 -16.06
N MET C 181 -29.58 -2.15 -14.81
CA MET C 181 -28.55 -2.93 -14.17
C MET C 181 -28.98 -4.39 -13.92
N ALA C 182 -30.24 -4.59 -13.50
CA ALA C 182 -30.76 -5.93 -13.26
C ALA C 182 -30.80 -6.75 -14.54
N GLU C 183 -31.28 -6.16 -15.62
CA GLU C 183 -31.31 -6.89 -16.90
C GLU C 183 -29.88 -7.26 -17.38
N ALA C 184 -28.93 -6.37 -17.16
CA ALA C 184 -27.58 -6.58 -17.65
C ALA C 184 -26.85 -7.73 -16.94
N VAL C 185 -27.10 -7.93 -15.65
CA VAL C 185 -26.46 -9.01 -14.91
C VAL C 185 -27.33 -10.27 -14.81
N GLY C 186 -28.64 -10.09 -15.03
CA GLY C 186 -29.57 -11.20 -15.16
C GLY C 186 -29.66 -12.17 -14.00
N GLY C 187 -29.61 -11.68 -12.76
CA GLY C 187 -29.63 -12.57 -11.61
C GLY C 187 -28.32 -13.30 -11.34
N ARG C 188 -27.27 -13.01 -12.09
CA ARG C 188 -25.99 -13.66 -11.85
C ARG C 188 -25.22 -12.91 -10.77
N LEU C 189 -25.49 -11.60 -10.66
CA LEU C 189 -24.96 -10.77 -9.59
C LEU C 189 -26.14 -10.10 -8.91
N GLY C 190 -25.97 -9.71 -7.65
CA GLY C 190 -26.95 -8.90 -6.95
C GLY C 190 -26.91 -7.46 -7.43
N VAL C 191 -27.98 -6.73 -7.14
CA VAL C 191 -28.06 -5.32 -7.48
C VAL C 191 -28.43 -4.57 -6.22
N LYS C 192 -27.57 -3.65 -5.81
CA LYS C 192 -27.82 -2.87 -4.63
C LYS C 192 -28.25 -1.46 -5.05
N ALA C 193 -29.44 -1.04 -4.62
CA ALA C 193 -29.95 0.32 -4.88
C ALA C 193 -29.57 1.17 -3.70
N SER C 194 -29.01 2.35 -3.94
CA SER C 194 -28.55 3.22 -2.88
C SER C 194 -28.64 4.69 -3.28
N GLY C 195 -28.66 5.54 -2.28
CA GLY C 195 -28.70 6.99 -2.47
C GLY C 195 -30.12 7.53 -2.64
N GLY C 196 -30.55 8.33 -1.69
CA GLY C 196 -31.86 9.02 -1.76
C GLY C 196 -33.11 8.16 -1.54
N ILE C 197 -32.92 6.92 -1.07
CA ILE C 197 -34.03 6.02 -0.69
C ILE C 197 -34.52 6.38 0.72
N ARG C 198 -35.57 7.19 0.76
CA ARG C 198 -35.98 7.84 1.99
C ARG C 198 -37.35 7.39 2.51
N THR C 199 -38.18 6.77 1.66
CA THR C 199 -39.48 6.27 2.10
C THR C 199 -39.69 4.78 1.82
N ALA C 200 -40.74 4.22 2.39
CA ALA C 200 -41.18 2.86 2.12
C ALA C 200 -41.37 2.68 0.62
N ALA C 201 -42.13 3.59 0.01
CA ALA C 201 -42.47 3.48 -1.42
C ALA C 201 -41.22 3.51 -2.32
N ASP C 202 -40.25 4.38 -1.99
CA ASP C 202 -38.95 4.39 -2.69
C ASP C 202 -38.30 3.00 -2.63
N ALA C 203 -38.27 2.43 -1.43
CA ALA C 203 -37.63 1.16 -1.18
C ALA C 203 -38.29 0.04 -1.94
N LEU C 204 -39.63 -0.03 -1.85
CA LEU C 204 -40.35 -1.09 -2.57
C LEU C 204 -40.18 -0.97 -4.09
N ALA C 205 -40.14 0.25 -4.60
CA ALA C 205 -40.02 0.44 -6.04
C ALA C 205 -38.62 0.03 -6.54
N MET C 206 -37.59 0.23 -5.71
CA MET C 206 -36.25 -0.25 -6.06
C MET C 206 -36.22 -1.78 -6.12
N LEU C 207 -36.83 -2.42 -5.13
CA LEU C 207 -36.92 -3.89 -5.12
C LEU C 207 -37.71 -4.40 -6.34
N ASP C 208 -38.87 -3.80 -6.60
CA ASP C 208 -39.71 -4.20 -7.74
CA ASP C 208 -39.71 -4.20 -7.74
C ASP C 208 -38.93 -4.07 -9.05
N ALA C 209 -37.99 -3.12 -9.11
CA ALA C 209 -37.20 -2.90 -10.32
C ALA C 209 -36.05 -3.90 -10.45
N GLY C 210 -35.75 -4.68 -9.41
CA GLY C 210 -34.69 -5.67 -9.51
C GLY C 210 -33.62 -5.66 -8.44
N ALA C 211 -33.66 -4.69 -7.53
CA ALA C 211 -32.68 -4.62 -6.44
C ALA C 211 -32.89 -5.78 -5.48
N THR C 212 -31.78 -6.39 -5.06
CA THR C 212 -31.78 -7.47 -4.09
C THR C 212 -31.11 -7.02 -2.77
N ARG C 213 -30.70 -5.76 -2.71
CA ARG C 213 -30.14 -5.21 -1.48
C ARG C 213 -30.36 -3.70 -1.55
N LEU C 214 -30.52 -3.06 -0.40
CA LEU C 214 -30.75 -1.63 -0.29
C LEU C 214 -29.73 -0.97 0.64
N GLY C 215 -29.16 0.16 0.23
CA GLY C 215 -28.33 0.98 1.11
C GLY C 215 -29.15 2.15 1.64
N LEU C 216 -29.35 2.17 2.96
CA LEU C 216 -30.18 3.16 3.62
C LEU C 216 -29.46 3.75 4.84
N SER C 217 -29.64 5.04 5.05
CA SER C 217 -29.18 5.69 6.25
C SER C 217 -30.38 5.92 7.20
N GLY C 218 -31.57 6.18 6.65
CA GLY C 218 -32.78 6.44 7.48
C GLY C 218 -33.73 5.24 7.52
N THR C 219 -33.19 4.08 7.90
CA THR C 219 -33.89 2.79 7.84
C THR C 219 -35.21 2.78 8.63
N ARG C 220 -35.20 3.30 9.85
CA ARG C 220 -36.40 3.28 10.71
C ARG C 220 -37.58 3.98 10.02
N ALA C 221 -37.37 5.21 9.56
CA ALA C 221 -38.40 5.94 8.82
C ALA C 221 -38.90 5.17 7.58
N VAL C 222 -37.99 4.49 6.86
CA VAL C 222 -38.40 3.66 5.73
C VAL C 222 -39.29 2.51 6.21
N LEU C 223 -38.88 1.84 7.28
CA LEU C 223 -39.68 0.74 7.82
C LEU C 223 -41.00 1.24 8.40
N ASP C 224 -40.98 2.41 9.02
CA ASP C 224 -42.17 2.97 9.67
C ASP C 224 -43.26 3.23 8.61
N GLY C 225 -42.85 3.53 7.38
CA GLY C 225 -43.76 3.79 6.28
C GLY C 225 -44.61 2.60 5.88
N LEU C 226 -44.20 1.42 6.34
CA LEU C 226 -45.01 0.22 6.18
C LEU C 226 -46.04 0.17 7.30
N THR D 6 -4.19 46.26 -3.07
CA THR D 6 -4.88 45.15 -3.79
C THR D 6 -4.05 44.72 -5.02
N PRO D 7 -4.00 43.41 -5.29
CA PRO D 7 -3.11 42.84 -6.31
C PRO D 7 -3.60 42.86 -7.77
N THR D 8 -2.64 42.82 -8.70
CA THR D 8 -2.91 42.67 -10.12
C THR D 8 -3.41 41.27 -10.43
N ARG D 9 -3.80 41.07 -11.66
CA ARG D 9 -4.20 39.76 -12.16
C ARG D 9 -3.07 38.71 -12.03
N ALA D 10 -1.84 39.06 -12.43
CA ALA D 10 -0.72 38.12 -12.35
C ALA D 10 -0.40 37.75 -10.90
N GLN D 11 -0.45 38.75 -10.01
CA GLN D 11 -0.16 38.54 -8.59
C GLN D 11 -1.21 37.64 -7.95
N LEU D 12 -2.48 37.84 -8.28
CA LEU D 12 -3.54 37.02 -7.73
C LEU D 12 -3.37 35.61 -8.22
N ALA D 13 -3.14 35.46 -9.52
CA ALA D 13 -2.92 34.15 -10.13
C ALA D 13 -1.84 33.37 -9.40
N ALA D 14 -0.78 34.06 -9.00
CA ALA D 14 0.37 33.43 -8.36
C ALA D 14 0.01 32.76 -7.01
N PHE D 15 -1.15 33.10 -6.44
CA PHE D 15 -1.62 32.50 -5.20
C PHE D 15 -2.39 31.20 -5.45
N VAL D 16 -2.68 30.88 -6.72
CA VAL D 16 -3.75 29.95 -7.03
C VAL D 16 -3.32 28.52 -7.36
N ASP D 17 -3.98 27.55 -6.73
CA ASP D 17 -3.99 26.16 -7.19
C ASP D 17 -5.27 25.91 -8.04
N HIS D 18 -5.09 25.81 -9.36
CA HIS D 18 -6.19 25.64 -10.32
C HIS D 18 -6.57 24.18 -10.35
N THR D 19 -7.83 23.89 -10.05
CA THR D 19 -8.22 22.59 -9.54
C THR D 19 -9.38 21.95 -10.33
N LEU D 20 -9.26 20.63 -10.55
CA LEU D 20 -10.36 19.78 -11.04
C LEU D 20 -10.27 18.48 -10.28
N LEU D 21 -11.32 18.15 -9.52
CA LEU D 21 -11.34 16.99 -8.65
C LEU D 21 -12.66 16.23 -8.78
N LYS D 22 -13.43 16.50 -9.82
CA LYS D 22 -14.70 15.84 -9.99
C LYS D 22 -14.46 14.35 -10.24
N PRO D 23 -15.33 13.47 -9.71
CA PRO D 23 -15.19 12.04 -9.97
C PRO D 23 -15.24 11.68 -11.44
N GLU D 24 -15.97 12.49 -12.23
CA GLU D 24 -16.14 12.27 -13.66
C GLU D 24 -14.99 12.79 -14.54
N ALA D 25 -14.02 13.48 -13.96
CA ALA D 25 -12.90 14.01 -14.73
C ALA D 25 -12.19 12.92 -15.54
N THR D 26 -11.90 13.22 -16.80
CA THR D 26 -11.19 12.32 -17.72
C THR D 26 -9.78 12.88 -17.92
N ALA D 27 -8.92 12.14 -18.62
CA ALA D 27 -7.56 12.63 -18.93
C ALA D 27 -7.64 13.88 -19.81
N ALA D 28 -8.60 13.89 -20.73
CA ALA D 28 -8.81 15.03 -21.60
C ALA D 28 -9.18 16.27 -20.79
N ASP D 29 -10.05 16.12 -19.78
CA ASP D 29 -10.40 17.24 -18.90
C ASP D 29 -9.16 17.77 -18.20
N VAL D 30 -8.31 16.87 -17.71
CA VAL D 30 -7.08 17.26 -17.00
C VAL D 30 -6.07 17.97 -17.92
N ALA D 31 -5.97 17.50 -19.16
CA ALA D 31 -5.10 18.15 -20.16
C ALA D 31 -5.58 19.56 -20.50
N ALA D 32 -6.89 19.76 -20.55
CA ALA D 32 -7.42 21.12 -20.75
C ALA D 32 -7.16 21.99 -19.50
N LEU D 33 -7.23 21.38 -18.33
CA LEU D 33 -6.94 22.11 -17.09
C LEU D 33 -5.48 22.59 -17.06
N VAL D 34 -4.54 21.74 -17.47
CA VAL D 34 -3.13 22.12 -17.48
C VAL D 34 -2.89 23.29 -18.45
N THR D 35 -3.41 23.16 -19.67
CA THR D 35 -3.29 24.22 -20.67
C THR D 35 -3.84 25.55 -20.18
N GLU D 36 -4.97 25.50 -19.50
CA GLU D 36 -5.63 26.70 -18.97
C GLU D 36 -4.83 27.30 -17.79
N ALA D 37 -4.17 26.46 -17.01
CA ALA D 37 -3.35 26.97 -15.89
C ALA D 37 -2.10 27.74 -16.37
N ALA D 38 -1.48 27.24 -17.44
CA ALA D 38 -0.30 27.91 -18.00
C ALA D 38 -0.72 29.24 -18.62
N GLU D 39 -1.88 29.29 -19.28
CA GLU D 39 -2.39 30.55 -19.83
C GLU D 39 -2.70 31.59 -18.73
N LEU D 40 -3.26 31.13 -17.61
CA LEU D 40 -3.67 32.05 -16.55
C LEU D 40 -2.53 32.43 -15.64
N GLY D 41 -1.41 31.70 -15.70
CA GLY D 41 -0.25 32.01 -14.88
C GLY D 41 -0.41 31.66 -13.40
N VAL D 42 -1.09 30.54 -13.13
CA VAL D 42 -1.35 30.15 -11.77
C VAL D 42 -0.10 29.48 -11.15
N TYR D 43 -0.15 29.21 -9.85
CA TYR D 43 0.99 28.61 -9.14
C TYR D 43 1.13 27.11 -9.42
N ALA D 44 0.01 26.41 -9.43
CA ALA D 44 -0.01 24.97 -9.59
C ALA D 44 -1.37 24.51 -10.13
N VAL D 45 -1.43 23.31 -10.71
CA VAL D 45 -2.70 22.59 -10.86
C VAL D 45 -2.91 21.62 -9.73
N CYS D 46 -4.16 21.33 -9.42
CA CYS D 46 -4.48 20.32 -8.43
C CYS D 46 -5.45 19.29 -9.03
N VAL D 47 -5.02 18.03 -9.02
CA VAL D 47 -5.77 16.95 -9.68
C VAL D 47 -5.88 15.78 -8.75
N SER D 48 -6.76 14.84 -9.08
CA SER D 48 -6.92 13.63 -8.29
C SER D 48 -5.70 12.68 -8.47
N PRO D 49 -5.41 11.85 -7.48
CA PRO D 49 -4.19 11.01 -7.56
C PRO D 49 -4.01 10.22 -8.86
N PRO D 50 -5.06 9.56 -9.38
CA PRO D 50 -4.84 8.81 -10.62
C PRO D 50 -4.58 9.65 -11.85
N MET D 51 -4.77 10.97 -11.79
CA MET D 51 -4.61 11.85 -12.94
C MET D 51 -3.21 12.50 -12.93
N VAL D 52 -2.43 12.28 -11.87
CA VAL D 52 -1.13 12.91 -11.74
C VAL D 52 -0.15 12.61 -12.89
N PRO D 53 0.01 11.34 -13.30
CA PRO D 53 0.97 11.09 -14.39
C PRO D 53 0.66 11.90 -15.70
N ALA D 54 -0.59 11.96 -16.12
CA ALA D 54 -0.93 12.68 -17.38
C ALA D 54 -0.98 14.21 -17.23
N ALA D 55 -1.17 14.71 -16.01
CA ALA D 55 -0.95 16.12 -15.70
C ALA D 55 0.55 16.46 -15.78
N VAL D 56 1.38 15.62 -15.18
CA VAL D 56 2.83 15.82 -15.15
C VAL D 56 3.45 15.74 -16.54
N GLN D 57 3.02 14.74 -17.31
CA GLN D 57 3.53 14.55 -18.66
C GLN D 57 3.03 15.63 -19.63
N ALA D 58 1.84 16.18 -19.37
CA ALA D 58 1.26 17.23 -20.22
C ALA D 58 2.08 18.53 -20.34
N GLY D 59 3.34 18.52 -19.87
CA GLY D 59 4.32 19.56 -20.20
C GLY D 59 4.36 20.73 -19.23
N VAL D 62 4.03 23.00 -15.78
CA VAL D 62 3.06 23.13 -14.68
C VAL D 62 3.51 22.30 -13.48
N ARG D 63 3.60 22.96 -12.34
CA ARG D 63 3.76 22.32 -11.03
C ARG D 63 2.45 21.60 -10.66
N VAL D 64 2.52 20.33 -10.25
CA VAL D 64 1.33 19.56 -9.89
C VAL D 64 1.15 19.24 -8.39
N ALA D 65 -0.02 19.57 -7.87
CA ALA D 65 -0.46 19.12 -6.55
C ALA D 65 -1.49 18.03 -6.71
N SER D 66 -1.55 17.15 -5.73
CA SER D 66 -2.58 16.14 -5.70
C SER D 66 -3.18 16.09 -4.30
N VAL D 67 -4.20 15.26 -4.14
CA VAL D 67 -4.88 15.10 -2.88
C VAL D 67 -4.63 13.71 -2.30
N ALA D 68 -4.81 13.57 -0.99
CA ALA D 68 -4.73 12.30 -0.33
C ALA D 68 -5.87 12.13 0.69
N GLY D 69 -6.48 10.96 0.69
CA GLY D 69 -7.58 10.68 1.62
C GLY D 69 -8.82 11.55 1.36
N PHE D 70 -9.03 11.88 0.09
CA PHE D 70 -9.85 12.98 -0.33
C PHE D 70 -11.06 12.47 -1.10
N PRO D 71 -12.26 13.02 -0.83
CA PRO D 71 -12.56 14.12 0.10
C PRO D 71 -13.01 13.74 1.52
N SER D 72 -13.29 12.47 1.80
CA SER D 72 -13.94 12.12 3.06
C SER D 72 -13.00 12.22 4.23
N GLY D 73 -11.72 11.93 4.03
CA GLY D 73 -10.84 11.82 5.19
C GLY D 73 -10.97 10.50 5.93
N LYS D 74 -11.97 9.69 5.57
CA LYS D 74 -12.22 8.40 6.18
C LYS D 74 -11.45 7.27 5.48
N HIS D 75 -10.14 7.26 5.71
CA HIS D 75 -9.25 6.24 5.25
C HIS D 75 -8.24 6.02 6.36
N VAL D 76 -7.75 4.81 6.54
CA VAL D 76 -6.75 4.62 7.59
C VAL D 76 -5.46 5.30 7.16
N SER D 77 -4.66 5.72 8.12
CA SER D 77 -3.44 6.47 7.81
C SER D 77 -2.60 5.82 6.76
N ALA D 78 -2.44 4.51 6.86
CA ALA D 78 -1.54 3.79 5.96
C ALA D 78 -2.04 3.89 4.49
N VAL D 79 -3.33 4.02 4.31
CA VAL D 79 -3.91 4.13 2.98
C VAL D 79 -3.62 5.53 2.45
N LYS D 80 -3.74 6.54 3.31
CA LYS D 80 -3.47 7.91 2.90
C LYS D 80 -2.01 8.08 2.55
N ALA D 81 -1.13 7.52 3.36
CA ALA D 81 0.33 7.55 3.14
C ALA D 81 0.73 6.84 1.83
N HIS D 82 0.14 5.69 1.58
CA HIS D 82 0.43 4.92 0.37
C HIS D 82 0.01 5.78 -0.83
N GLU D 83 -1.23 6.24 -0.82
CA GLU D 83 -1.72 7.14 -1.89
C GLU D 83 -0.79 8.35 -2.15
N ALA D 84 -0.32 8.99 -1.08
CA ALA D 84 0.49 10.18 -1.17
C ALA D 84 1.89 9.89 -1.74
N ALA D 85 2.47 8.77 -1.34
CA ALA D 85 3.77 8.33 -1.86
C ALA D 85 3.69 8.11 -3.37
N LEU D 86 2.67 7.39 -3.82
CA LEU D 86 2.50 7.14 -5.25
C LEU D 86 2.40 8.43 -6.04
N ALA D 87 1.61 9.40 -5.55
CA ALA D 87 1.43 10.67 -6.30
C ALA D 87 2.73 11.48 -6.39
N VAL D 88 3.46 11.53 -5.27
CA VAL D 88 4.73 12.22 -5.25
C VAL D 88 5.75 11.55 -6.17
N ALA D 89 5.84 10.21 -6.13
CA ALA D 89 6.76 9.47 -7.00
C ALA D 89 6.39 9.65 -8.48
N SER D 90 5.11 9.92 -8.77
CA SER D 90 4.66 10.14 -10.14
C SER D 90 4.86 11.58 -10.59
N GLY D 91 5.32 12.43 -9.68
CA GLY D 91 5.64 13.80 -10.05
C GLY D 91 4.85 14.88 -9.34
N ALA D 92 3.98 14.57 -8.41
CA ALA D 92 3.31 15.63 -7.64
C ALA D 92 4.33 16.37 -6.76
N ALA D 93 4.30 17.71 -6.81
CA ALA D 93 5.16 18.54 -5.97
C ALA D 93 4.55 18.77 -4.59
N GLU D 94 3.23 18.69 -4.50
CA GLU D 94 2.54 18.99 -3.27
C GLU D 94 1.45 17.97 -3.08
N ILE D 95 1.07 17.74 -1.84
CA ILE D 95 -0.06 16.87 -1.50
C ILE D 95 -1.03 17.58 -0.55
N ASP D 96 -2.32 17.62 -0.85
CA ASP D 96 -3.31 18.19 0.05
C ASP D 96 -4.11 17.02 0.68
N MET D 97 -3.82 16.65 1.92
CA MET D 97 -4.42 15.48 2.56
C MET D 97 -5.59 15.93 3.36
N VAL D 98 -6.56 15.04 3.60
CA VAL D 98 -7.71 15.34 4.49
C VAL D 98 -7.60 14.60 5.80
N ILE D 99 -7.86 15.27 6.93
CA ILE D 99 -7.85 14.59 8.23
C ILE D 99 -9.11 13.74 8.39
N ASP D 100 -9.13 12.89 9.41
CA ASP D 100 -10.38 12.21 9.86
C ASP D 100 -11.09 13.19 10.74
N VAL D 101 -12.10 13.82 10.17
CA VAL D 101 -12.81 14.92 10.82
C VAL D 101 -13.46 14.41 12.11
N GLY D 102 -13.99 13.18 12.08
CA GLY D 102 -14.62 12.54 13.23
C GLY D 102 -13.66 12.30 14.37
N ALA D 103 -12.43 11.88 14.04
CA ALA D 103 -11.39 11.74 15.04
C ALA D 103 -11.15 13.04 15.79
N ALA D 104 -11.11 14.13 15.05
CA ALA D 104 -10.89 15.43 15.64
C ALA D 104 -12.09 15.84 16.53
N LEU D 105 -13.30 15.64 16.05
CA LEU D 105 -14.50 15.91 16.86
C LEU D 105 -14.58 15.05 18.11
N ALA D 106 -14.03 13.83 18.07
CA ALA D 106 -14.07 12.97 19.24
C ALA D 106 -13.01 13.37 20.24
N GLY D 107 -12.12 14.26 19.83
CA GLY D 107 -11.06 14.74 20.70
C GLY D 107 -9.78 13.93 20.58
N ASP D 108 -9.64 13.12 19.52
CA ASP D 108 -8.44 12.27 19.38
C ASP D 108 -7.36 13.02 18.61
N LEU D 109 -6.79 14.02 19.25
CA LEU D 109 -5.82 14.88 18.59
C LEU D 109 -4.44 14.18 18.36
N ASP D 110 -4.05 13.28 19.25
CA ASP D 110 -2.83 12.48 19.00
C ASP D 110 -2.99 11.57 17.73
N GLY D 111 -4.20 11.04 17.54
CA GLY D 111 -4.51 10.27 16.33
C GLY D 111 -4.52 11.12 15.07
N VAL D 112 -5.07 12.33 15.13
CA VAL D 112 -5.01 13.23 13.98
C VAL D 112 -3.55 13.53 13.62
N ARG D 113 -2.77 13.86 14.63
CA ARG D 113 -1.36 14.14 14.43
C ARG D 113 -0.59 12.95 13.84
N ALA D 114 -0.84 11.74 14.34
CA ALA D 114 -0.17 10.53 13.83
C ALA D 114 -0.58 10.25 12.38
N ASP D 115 -1.82 10.60 12.05
CA ASP D 115 -2.36 10.40 10.72
C ASP D 115 -1.59 11.31 9.78
N ILE D 116 -1.33 12.54 10.21
CA ILE D 116 -0.63 13.51 9.40
C ILE D 116 0.86 13.17 9.36
N ALA D 117 1.39 12.65 10.46
CA ALA D 117 2.80 12.22 10.49
C ALA D 117 3.07 11.05 9.51
N ALA D 118 2.14 10.12 9.38
CA ALA D 118 2.30 9.00 8.44
C ALA D 118 2.46 9.52 7.02
N VAL D 119 1.64 10.49 6.66
CA VAL D 119 1.69 11.06 5.34
C VAL D 119 2.99 11.85 5.20
N ARG D 120 3.38 12.57 6.24
CA ARG D 120 4.61 13.40 6.20
C ARG D 120 5.78 12.50 5.87
N GLY D 121 5.82 11.35 6.53
CA GLY D 121 6.93 10.41 6.33
C GLY D 121 6.94 9.77 4.94
N ALA D 122 5.80 9.72 4.28
CA ALA D 122 5.73 9.08 2.96
C ALA D 122 6.13 10.02 1.82
N VAL D 123 6.00 11.33 1.99
CA VAL D 123 6.14 12.25 0.88
C VAL D 123 7.51 12.87 0.77
N GLY D 124 8.40 12.53 1.72
CA GLY D 124 9.75 13.12 1.77
C GLY D 124 9.67 14.65 1.90
N GLY D 125 10.24 15.37 0.94
CA GLY D 125 10.38 16.82 1.00
C GLY D 125 9.23 17.59 0.34
N ALA D 126 8.23 16.89 -0.15
CA ALA D 126 7.08 17.53 -0.83
C ALA D 126 6.31 18.44 0.08
N VAL D 127 5.64 19.43 -0.50
CA VAL D 127 4.84 20.32 0.28
C VAL D 127 3.59 19.56 0.73
N LEU D 128 3.35 19.55 2.04
CA LEU D 128 2.21 18.85 2.59
C LEU D 128 1.23 19.85 3.18
N LYS D 129 0.02 19.86 2.62
CA LYS D 129 -1.11 20.69 3.11
C LYS D 129 -2.12 19.75 3.81
N VAL D 130 -2.62 20.18 4.97
CA VAL D 130 -3.60 19.42 5.71
C VAL D 130 -4.97 20.10 5.68
N ILE D 131 -5.94 19.42 5.10
CA ILE D 131 -7.27 19.96 5.00
C ILE D 131 -7.93 19.62 6.32
N VAL D 132 -8.32 20.65 7.06
CA VAL D 132 -8.91 20.46 8.37
C VAL D 132 -10.46 20.43 8.33
N GLU D 133 -11.06 20.73 7.18
CA GLU D 133 -12.52 20.87 7.03
C GLU D 133 -13.07 21.80 8.09
N SER D 134 -12.56 23.03 8.06
CA SER D 134 -12.88 24.05 9.06
C SER D 134 -14.34 24.29 9.23
N SER D 135 -15.14 24.28 8.15
CA SER D 135 -16.58 24.57 8.26
C SER D 135 -17.34 23.47 9.01
N ALA D 136 -16.77 22.26 9.03
CA ALA D 136 -17.36 21.18 9.79
C ALA D 136 -16.94 21.29 11.25
N LEU D 137 -15.68 21.66 11.48
CA LEU D 137 -15.18 21.81 12.85
C LEU D 137 -15.88 22.99 13.55
N LEU D 138 -16.08 24.08 12.84
CA LEU D 138 -16.76 25.20 13.43
C LEU D 138 -18.25 24.94 13.56
N ALA D 139 -18.88 24.21 12.65
CA ALA D 139 -20.30 23.90 12.81
C ALA D 139 -20.57 22.93 13.96
N LEU D 140 -19.70 21.94 14.11
CA LEU D 140 -19.95 20.82 15.00
C LEU D 140 -19.19 20.88 16.31
N ALA D 141 -18.14 21.68 16.39
CA ALA D 141 -17.43 21.85 17.67
C ALA D 141 -17.26 23.32 17.97
N ASP D 142 -16.05 23.83 17.89
CA ASP D 142 -15.80 25.21 18.28
C ASP D 142 -14.45 25.70 17.75
N GLU D 143 -14.19 26.98 17.96
CA GLU D 143 -12.96 27.60 17.47
C GLU D 143 -11.75 26.91 18.04
N HIS D 144 -11.80 26.57 19.31
CA HIS D 144 -10.64 25.98 19.96
C HIS D 144 -10.25 24.66 19.30
N THR D 145 -11.26 23.92 18.84
CA THR D 145 -11.02 22.63 18.23
C THR D 145 -10.31 22.85 16.89
N LEU D 146 -10.69 23.91 16.18
CA LEU D 146 -10.00 24.22 14.92
C LEU D 146 -8.52 24.57 15.19
N VAL D 147 -8.28 25.40 16.22
CA VAL D 147 -6.90 25.77 16.62
C VAL D 147 -6.10 24.49 16.97
N ARG D 148 -6.69 23.58 17.74
CA ARG D 148 -6.01 22.34 18.13
C ARG D 148 -5.60 21.52 16.92
N VAL D 149 -6.50 21.38 15.96
CA VAL D 149 -6.19 20.63 14.76
C VAL D 149 -5.04 21.25 13.98
N CYS D 150 -5.05 22.56 13.82
CA CYS D 150 -3.94 23.25 13.18
C CYS D 150 -2.59 23.01 13.84
N ARG D 151 -2.55 23.16 15.17
CA ARG D 151 -1.32 22.96 15.93
C ARG D 151 -0.80 21.52 15.77
N ALA D 152 -1.71 20.57 15.76
CA ALA D 152 -1.38 19.17 15.51
C ALA D 152 -0.73 19.00 14.14
N ALA D 153 -1.23 19.70 13.12
CA ALA D 153 -0.70 19.64 11.78
C ALA D 153 0.73 20.16 11.75
N GLU D 154 0.96 21.28 12.43
CA GLU D 154 2.30 21.81 12.52
C GLU D 154 3.20 20.83 13.27
N ASP D 155 2.70 20.21 14.35
CA ASP D 155 3.55 19.29 15.12
C ASP D 155 3.96 18.09 14.29
N ALA D 156 3.06 17.65 13.41
CA ALA D 156 3.33 16.50 12.57
C ALA D 156 4.19 16.82 11.35
N GLY D 157 4.60 18.08 11.19
CA GLY D 157 5.48 18.48 10.09
C GLY D 157 4.77 19.01 8.84
N ALA D 158 3.50 19.35 8.90
CA ALA D 158 2.84 19.94 7.71
C ALA D 158 3.46 21.30 7.27
N ASP D 159 3.33 21.64 5.99
CA ASP D 159 3.76 22.95 5.47
C ASP D 159 2.58 23.94 5.32
N PHE D 160 1.35 23.42 5.21
CA PHE D 160 0.16 24.25 5.11
C PHE D 160 -0.93 23.63 5.91
N VAL D 161 -1.81 24.52 6.38
CA VAL D 161 -3.14 24.17 6.81
C VAL D 161 -4.11 24.75 5.79
N LYS D 162 -5.19 24.02 5.53
CA LYS D 162 -6.11 24.26 4.45
C LYS D 162 -7.54 24.08 4.94
N THR D 163 -8.43 25.00 4.55
CA THR D 163 -9.78 25.03 5.08
C THR D 163 -10.63 23.84 4.73
N SER D 164 -10.78 23.56 3.44
CA SER D 164 -11.92 22.78 2.98
C SER D 164 -11.68 21.90 1.75
N THR D 165 -12.45 20.83 1.66
CA THR D 165 -12.42 19.94 0.51
C THR D 165 -13.24 20.48 -0.66
N GLY D 166 -14.26 21.28 -0.37
CA GLY D 166 -15.17 21.77 -1.39
C GLY D 166 -16.29 20.79 -1.59
N PHE D 167 -16.36 19.76 -0.75
CA PHE D 167 -17.32 18.68 -0.94
C PHE D 167 -18.16 18.39 0.28
N HIS D 168 -17.82 19.00 1.44
CA HIS D 168 -18.56 18.76 2.66
C HIS D 168 -19.78 19.71 2.73
N PRO D 169 -20.94 19.20 3.14
CA PRO D 169 -22.16 20.08 3.16
C PRO D 169 -22.08 21.27 4.13
N SER D 170 -21.21 21.18 5.12
CA SER D 170 -21.04 22.28 6.04
C SER D 170 -20.49 23.54 5.35
N GLY D 171 -19.92 23.40 4.15
CA GLY D 171 -19.53 24.55 3.33
C GLY D 171 -18.05 24.55 3.04
N GLY D 172 -17.51 25.74 2.77
CA GLY D 172 -16.10 25.91 2.41
C GLY D 172 -15.37 26.92 3.27
N ALA D 173 -14.56 27.76 2.66
CA ALA D 173 -13.75 28.68 3.42
C ALA D 173 -14.60 29.81 3.99
N SER D 174 -14.31 30.18 5.24
CA SER D 174 -14.85 31.39 5.83
C SER D 174 -13.71 32.25 6.29
N VAL D 175 -13.96 33.58 6.34
CA VAL D 175 -12.98 34.54 6.86
C VAL D 175 -12.59 34.22 8.29
N ARG D 176 -13.57 33.89 9.13
CA ARG D 176 -13.30 33.60 10.53
C ARG D 176 -12.39 32.34 10.60
N ALA D 177 -12.66 31.34 9.77
CA ALA D 177 -11.85 30.13 9.79
C ALA D 177 -10.41 30.46 9.38
N VAL D 178 -10.25 31.21 8.29
CA VAL D 178 -8.92 31.56 7.79
C VAL D 178 -8.12 32.35 8.84
N ALA D 179 -8.75 33.32 9.48
CA ALA D 179 -8.08 34.14 10.50
C ALA D 179 -7.70 33.30 11.68
N LEU D 180 -8.60 32.44 12.14
CA LEU D 180 -8.23 31.53 13.26
C LEU D 180 -7.02 30.66 12.93
N MET D 181 -6.99 30.15 11.70
CA MET D 181 -5.95 29.22 11.28
C MET D 181 -4.62 29.95 11.11
N ALA D 182 -4.67 31.19 10.60
CA ALA D 182 -3.46 31.95 10.39
C ALA D 182 -2.83 32.30 11.74
N GLU D 183 -3.64 32.65 12.74
CA GLU D 183 -3.07 32.89 14.08
C GLU D 183 -2.47 31.61 14.67
N ALA D 184 -3.11 30.46 14.46
CA ALA D 184 -2.68 29.17 15.03
C ALA D 184 -1.35 28.69 14.51
N VAL D 185 -0.99 29.11 13.30
CA VAL D 185 0.29 28.71 12.75
C VAL D 185 1.31 29.85 12.73
N GLY D 186 0.91 31.08 13.06
CA GLY D 186 1.85 32.19 13.31
C GLY D 186 2.87 32.48 12.20
N GLY D 187 2.44 32.32 10.94
CA GLY D 187 3.27 32.50 9.75
C GLY D 187 4.40 31.50 9.56
N ARG D 188 4.41 30.42 10.33
CA ARG D 188 5.40 29.35 10.16
C ARG D 188 4.97 28.31 9.12
N LEU D 189 3.66 28.19 8.89
CA LEU D 189 3.07 27.40 7.81
C LEU D 189 2.22 28.32 6.93
N GLY D 190 2.03 27.96 5.66
CA GLY D 190 1.05 28.64 4.85
C GLY D 190 -0.38 28.30 5.27
N VAL D 191 -1.33 29.11 4.82
CA VAL D 191 -2.78 28.83 4.96
C VAL D 191 -3.44 28.87 3.59
N LYS D 192 -4.02 27.76 3.17
CA LYS D 192 -4.70 27.70 1.88
C LYS D 192 -6.20 27.74 2.12
N ALA D 193 -6.85 28.73 1.53
CA ALA D 193 -8.28 28.84 1.61
C ALA D 193 -8.88 28.26 0.37
N SER D 194 -9.95 27.49 0.51
CA SER D 194 -10.49 26.72 -0.61
C SER D 194 -11.94 26.41 -0.35
N GLY D 195 -12.68 26.20 -1.42
CA GLY D 195 -14.08 25.81 -1.34
C GLY D 195 -15.00 27.00 -1.40
N GLY D 196 -15.72 27.14 -2.52
CA GLY D 196 -16.72 28.20 -2.69
C GLY D 196 -16.22 29.61 -2.95
N ILE D 197 -14.93 29.74 -3.33
CA ILE D 197 -14.31 31.02 -3.61
C ILE D 197 -14.50 31.27 -5.11
N ARG D 198 -15.47 32.12 -5.42
CA ARG D 198 -16.00 32.28 -6.79
C ARG D 198 -15.76 33.64 -7.44
N THR D 199 -15.42 34.63 -6.64
CA THR D 199 -15.34 36.02 -7.08
C THR D 199 -14.01 36.54 -6.57
N ALA D 200 -13.53 37.61 -7.19
CA ALA D 200 -12.37 38.33 -6.70
C ALA D 200 -12.55 38.75 -5.24
N ALA D 201 -13.72 39.28 -4.89
CA ALA D 201 -13.98 39.75 -3.53
C ALA D 201 -13.81 38.61 -2.51
N ASP D 202 -14.25 37.41 -2.88
CA ASP D 202 -14.09 36.22 -2.02
C ASP D 202 -12.59 36.02 -1.83
N ALA D 203 -11.90 35.93 -2.96
CA ALA D 203 -10.47 35.70 -2.99
C ALA D 203 -9.74 36.71 -2.12
N LEU D 204 -9.98 38.00 -2.36
CA LEU D 204 -9.33 39.04 -1.57
C LEU D 204 -9.73 38.99 -0.09
N ALA D 205 -10.96 38.64 0.21
CA ALA D 205 -11.35 38.51 1.62
C ALA D 205 -10.49 37.45 2.34
N MET D 206 -10.18 36.33 1.66
CA MET D 206 -9.37 35.25 2.27
C MET D 206 -7.89 35.62 2.41
N LEU D 207 -7.34 36.28 1.40
CA LEU D 207 -5.92 36.75 1.48
C LEU D 207 -5.78 37.80 2.60
N ASP D 208 -6.74 38.71 2.71
CA ASP D 208 -6.72 39.70 3.81
C ASP D 208 -6.85 39.03 5.20
N ALA D 209 -7.63 37.94 5.28
CA ALA D 209 -7.78 37.18 6.51
C ALA D 209 -6.53 36.37 6.87
N GLY D 210 -5.59 36.24 5.92
CA GLY D 210 -4.33 35.57 6.18
C GLY D 210 -4.04 34.37 5.30
N ALA D 211 -4.88 34.07 4.31
CA ALA D 211 -4.53 32.98 3.39
C ALA D 211 -3.29 33.34 2.56
N THR D 212 -2.43 32.36 2.31
CA THR D 212 -1.27 32.54 1.42
C THR D 212 -1.32 31.67 0.14
N ARG D 213 -2.40 30.90 -0.02
CA ARG D 213 -2.67 30.15 -1.25
C ARG D 213 -4.18 30.01 -1.39
N LEU D 214 -4.66 29.92 -2.63
CA LEU D 214 -6.07 29.78 -2.85
C LEU D 214 -6.35 28.55 -3.69
N GLY D 215 -7.38 27.80 -3.32
CA GLY D 215 -7.79 26.66 -4.11
C GLY D 215 -9.01 27.06 -4.87
N LEU D 216 -8.90 27.16 -6.20
CA LEU D 216 -10.00 27.61 -7.04
C LEU D 216 -10.26 26.62 -8.18
N SER D 217 -11.52 26.38 -8.48
CA SER D 217 -11.90 25.70 -9.73
C SER D 217 -12.28 26.70 -10.86
N GLY D 218 -12.86 27.86 -10.55
CA GLY D 218 -13.28 28.83 -11.58
C GLY D 218 -12.39 30.07 -11.65
N THR D 219 -11.09 29.83 -11.88
CA THR D 219 -10.06 30.86 -11.73
C THR D 219 -10.19 32.05 -12.69
N ARG D 220 -10.53 31.77 -13.95
CA ARG D 220 -10.72 32.83 -14.96
C ARG D 220 -11.70 33.89 -14.46
N ALA D 221 -12.88 33.45 -13.98
CA ALA D 221 -13.93 34.36 -13.50
C ALA D 221 -13.47 35.18 -12.29
N VAL D 222 -12.62 34.59 -11.46
CA VAL D 222 -12.07 35.33 -10.32
C VAL D 222 -11.06 36.37 -10.82
N LEU D 223 -10.22 35.98 -11.78
CA LEU D 223 -9.15 36.88 -12.26
C LEU D 223 -9.71 38.12 -12.99
N ASP D 224 -10.61 37.89 -13.95
CA ASP D 224 -11.35 38.99 -14.63
C ASP D 224 -11.83 40.06 -13.62
N GLY D 225 -12.21 39.56 -12.44
CA GLY D 225 -12.74 40.33 -11.29
C GLY D 225 -12.15 41.69 -10.93
#